data_5GLQ
#
_entry.id   5GLQ
#
_cell.length_a   74.801
_cell.length_b   61.489
_cell.length_c   79.047
_cell.angle_alpha   90.00
_cell.angle_beta   95.72
_cell.angle_gamma   90.00
#
_symmetry.space_group_name_H-M   'P 1 21 1'
#
loop_
_entity.id
_entity.type
_entity.pdbx_description
1 polymer 'Glycoside hydrolase family 43'
2 branched beta-D-xylopyranose-(1-4)-beta-D-xylopyranose
3 branched beta-D-xylopyranose-(1-4)-beta-D-xylopyranose-(1-4)-beta-D-xylopyranose
4 non-polymer 'SODIUM ION'
5 non-polymer beta-L-arabinofuranose
6 water water
#
_entity_poly.entity_id   1
_entity_poly.type   'polypeptide(L)'
_entity_poly.pdbx_seq_one_letter_code
;MGSSHHHHHHSSGLVPRGSHMEPLVTHIYTADPSAHVFDGKVYIYPSHDIDAGTPENDMGDHFDMRDYHVLSMNSIPGEV
TDHGVALDIKDIPWAGRQLWAPDAASKDGKYYLYFPAKDKEDIFRIGVAVSDSPAGPFKPESEPIKGSYSIDPAVFKDDD
GKYYMYFGGIWGGQLQRWTTGEYAGHDASKTDLEQDDAPAIGPRIALMSDDMLSFAEPVKEISIVDEQGNPILGGDHDRR
FFEAAWMHKYNGTYYLSYSTGDTHYIVYATGDNPYGPFTYRGVILNPVIGWTNHHSIVEFNGKWYLFYHDSSLSGGKTHL
RCIKVTELTHNADGTIETISPYIE
;
_entity_poly.pdbx_strand_id   A,B
#
loop_
_chem_comp.id
_chem_comp.type
_chem_comp.name
_chem_comp.formula
FUB L-saccharide, beta linking beta-L-arabinofuranose 'C5 H10 O5'
NA non-polymer 'SODIUM ION' 'Na 1'
XYP D-saccharide, beta linking beta-D-xylopyranose 'C5 H10 O5'
#
# COMPACT_ATOMS: atom_id res chain seq x y z
N VAL A 15 8.69 27.75 13.04
CA VAL A 15 7.54 27.05 13.68
C VAL A 15 7.79 25.52 13.77
N PRO A 16 7.31 24.86 14.86
CA PRO A 16 7.55 23.41 14.95
C PRO A 16 6.77 22.58 13.93
N ARG A 17 7.40 21.49 13.47
CA ARG A 17 6.91 20.63 12.40
C ARG A 17 7.15 19.17 12.74
N GLY A 18 6.31 18.29 12.19
CA GLY A 18 6.45 16.83 12.34
C GLY A 18 5.50 16.15 13.31
N SER A 19 4.32 16.75 13.50
CA SER A 19 3.35 16.25 14.50
C SER A 19 2.24 15.37 13.93
N HIS A 20 1.86 15.58 12.67
CA HIS A 20 0.71 14.85 12.07
C HIS A 20 1.01 14.49 10.62
N MET A 21 2.20 13.94 10.38
CA MET A 21 2.63 13.54 9.03
C MET A 21 2.52 14.68 7.99
N GLU A 22 2.68 15.94 8.41
CA GLU A 22 2.75 17.05 7.47
C GLU A 22 4.16 17.19 6.91
N PRO A 23 4.31 17.87 5.77
CA PRO A 23 5.67 18.11 5.24
C PRO A 23 6.56 18.81 6.24
N LEU A 24 7.78 18.31 6.42
CA LEU A 24 8.72 18.91 7.37
C LEU A 24 9.24 20.27 6.92
N VAL A 25 9.41 20.44 5.61
CA VAL A 25 9.74 21.74 5.04
C VAL A 25 8.92 21.94 3.76
N THR A 26 8.62 23.20 3.47
CA THR A 26 7.86 23.54 2.26
C THR A 26 8.53 24.58 1.37
N HIS A 27 9.62 25.19 1.81
CA HIS A 27 10.27 26.26 1.05
C HIS A 27 11.11 25.70 -0.10
N ILE A 28 11.53 24.44 0.03
CA ILE A 28 12.16 23.66 -1.05
C ILE A 28 11.50 22.28 -1.08
N TYR A 29 11.64 21.60 -2.21
CA TYR A 29 11.20 20.20 -2.32
C TYR A 29 12.34 19.32 -1.83
N THR A 30 12.00 18.27 -1.09
CA THR A 30 13.00 17.42 -0.44
C THR A 30 12.57 15.98 -0.59
N ALA A 31 13.55 15.08 -0.70
CA ALA A 31 13.29 13.66 -0.97
C ALA A 31 14.35 12.82 -0.30
N ASP A 32 14.08 11.54 -0.19
CA ASP A 32 15.09 10.55 0.12
C ASP A 32 15.75 10.85 1.48
N PRO A 33 14.96 10.94 2.58
CA PRO A 33 15.55 11.38 3.82
C PRO A 33 16.38 10.32 4.53
N SER A 34 17.67 10.59 4.72
CA SER A 34 18.52 9.76 5.54
C SER A 34 18.81 10.48 6.85
N ALA A 35 18.25 9.98 7.95
CA ALA A 35 18.31 10.64 9.27
C ALA A 35 19.33 10.01 10.20
N HIS A 36 20.05 10.86 10.92
CA HIS A 36 21.05 10.44 11.91
C HIS A 36 20.93 11.29 13.13
N VAL A 37 21.38 10.76 14.27
CA VAL A 37 21.52 11.55 15.46
C VAL A 37 22.99 11.90 15.67
N PHE A 38 23.35 13.16 15.46
CA PHE A 38 24.71 13.68 15.71
C PHE A 38 24.60 14.86 16.67
N ASP A 39 25.48 14.92 17.68
CA ASP A 39 25.50 16.05 18.64
C ASP A 39 24.14 16.30 19.28
N GLY A 40 23.41 15.23 19.58
CA GLY A 40 22.11 15.32 20.22
C GLY A 40 20.96 15.87 19.40
N LYS A 41 21.18 16.05 18.09
CA LYS A 41 20.19 16.61 17.18
C LYS A 41 19.93 15.58 16.09
N VAL A 42 18.76 15.65 15.47
CA VAL A 42 18.49 14.85 14.25
C VAL A 42 19.02 15.64 13.04
N TYR A 43 19.99 15.07 12.32
CA TYR A 43 20.41 15.60 11.02
C TYR A 43 19.83 14.77 9.90
N ILE A 44 19.26 15.42 8.90
CA ILE A 44 18.64 14.72 7.79
C ILE A 44 19.39 15.11 6.53
N TYR A 45 19.74 14.08 5.74
CA TYR A 45 20.48 14.23 4.50
C TYR A 45 19.57 13.77 3.37
N PRO A 46 18.80 14.72 2.77
CA PRO A 46 17.87 14.41 1.71
C PRO A 46 18.36 14.90 0.34
N SER A 47 17.72 14.43 -0.72
CA SER A 47 17.89 15.03 -2.04
C SER A 47 17.11 16.33 -2.06
N HIS A 48 17.60 17.29 -2.85
CA HIS A 48 16.93 18.56 -3.07
C HIS A 48 16.31 18.55 -4.45
N ASP A 49 15.00 18.29 -4.49
CA ASP A 49 14.29 18.20 -5.75
C ASP A 49 14.10 19.59 -6.36
N ILE A 50 14.14 19.64 -7.69
CA ILE A 50 13.88 20.88 -8.44
C ILE A 50 13.08 20.57 -9.69
N ASP A 51 12.29 21.55 -10.13
CA ASP A 51 11.45 21.33 -11.27
C ASP A 51 12.26 21.58 -12.54
N ALA A 52 13.15 20.65 -12.84
CA ALA A 52 14.10 20.80 -13.94
C ALA A 52 13.39 20.77 -15.30
N GLY A 53 12.26 20.08 -15.38
CA GLY A 53 11.51 19.93 -16.62
C GLY A 53 12.13 18.97 -17.62
N THR A 54 13.06 18.13 -17.16
CA THR A 54 13.77 17.22 -18.05
C THR A 54 12.88 16.06 -18.48
N PRO A 55 13.23 15.37 -19.57
CA PRO A 55 12.36 14.28 -20.01
C PRO A 55 12.11 13.20 -18.95
N GLU A 56 10.84 12.80 -18.81
CA GLU A 56 10.43 11.75 -17.90
C GLU A 56 10.53 10.39 -18.56
N ASN A 57 11.20 9.44 -17.90
CA ASN A 57 11.34 8.08 -18.41
C ASN A 57 11.72 7.08 -17.31
N ASP A 58 11.78 5.80 -17.69
CA ASP A 58 12.09 4.74 -16.73
C ASP A 58 13.56 4.71 -16.29
N MET A 59 14.43 5.50 -16.89
CA MET A 59 15.81 5.67 -16.38
C MET A 59 15.93 6.81 -15.38
N GLY A 60 14.84 7.54 -15.13
CA GLY A 60 14.80 8.57 -14.10
C GLY A 60 15.45 9.90 -14.51
N ASP A 61 15.48 10.23 -15.81
CA ASP A 61 16.10 11.50 -16.23
C ASP A 61 15.38 12.74 -15.69
N HIS A 62 14.11 12.57 -15.32
CA HIS A 62 13.34 13.62 -14.64
C HIS A 62 13.80 13.97 -13.21
N PHE A 63 14.66 13.16 -12.60
CA PHE A 63 15.27 13.48 -11.33
C PHE A 63 16.62 14.10 -11.65
N ASP A 64 16.65 15.43 -11.73
CA ASP A 64 17.84 16.14 -12.21
C ASP A 64 18.39 17.10 -11.16
N MET A 65 18.53 16.60 -9.94
CA MET A 65 18.96 17.42 -8.80
C MET A 65 20.45 17.78 -8.91
N ARG A 66 20.77 18.93 -8.32
CA ARG A 66 22.08 19.57 -8.51
C ARG A 66 22.80 19.95 -7.22
N ASP A 67 22.15 19.85 -6.07
CA ASP A 67 22.83 20.15 -4.81
C ASP A 67 22.17 19.43 -3.67
N TYR A 68 22.78 19.53 -2.49
CA TYR A 68 22.23 19.02 -1.24
C TYR A 68 22.17 20.12 -0.21
N HIS A 69 21.07 20.15 0.54
CA HIS A 69 20.89 20.93 1.76
C HIS A 69 20.75 19.97 2.93
N VAL A 70 21.51 20.20 4.01
CA VAL A 70 21.35 19.42 5.23
C VAL A 70 20.27 20.08 6.08
N LEU A 71 19.36 19.26 6.64
CA LEU A 71 18.33 19.73 7.57
C LEU A 71 18.64 19.24 8.98
N SER A 72 18.19 19.97 10.00
CA SER A 72 18.30 19.47 11.36
C SER A 72 17.10 19.85 12.23
N MET A 73 16.88 19.01 13.23
CA MET A 73 15.81 19.17 14.22
C MET A 73 16.37 18.90 15.60
N ASN A 74 16.02 19.75 16.56
CA ASN A 74 16.42 19.53 17.96
C ASN A 74 15.43 18.64 18.71
N SER A 75 14.20 18.58 18.22
CA SER A 75 13.14 17.70 18.73
C SER A 75 12.22 17.28 17.61
N ILE A 76 11.43 16.23 17.87
CA ILE A 76 10.38 15.83 16.95
C ILE A 76 9.09 15.76 17.77
N PRO A 77 8.07 16.57 17.48
CA PRO A 77 8.10 17.65 16.48
C PRO A 77 9.06 18.76 16.86
N GLY A 78 9.44 19.56 15.88
CA GLY A 78 10.35 20.66 16.12
C GLY A 78 10.62 21.52 14.89
N GLU A 79 11.20 22.70 15.15
CA GLU A 79 11.63 23.61 14.12
C GLU A 79 12.70 22.88 13.27
N VAL A 80 12.57 22.99 11.94
CA VAL A 80 13.52 22.38 11.02
C VAL A 80 14.44 23.45 10.45
N THR A 81 15.74 23.30 10.68
CA THR A 81 16.74 24.25 10.17
C THR A 81 17.29 23.73 8.84
N ASP A 82 17.30 24.61 7.84
CA ASP A 82 17.91 24.37 6.54
C ASP A 82 19.27 25.07 6.59
N HIS A 83 20.34 24.29 6.50
CA HIS A 83 21.70 24.79 6.65
C HIS A 83 22.33 25.35 5.36
N GLY A 84 21.55 25.49 4.30
CA GLY A 84 21.99 26.08 3.04
C GLY A 84 22.51 24.98 2.13
N VAL A 85 23.30 25.37 1.13
CA VAL A 85 23.88 24.38 0.23
C VAL A 85 25.11 23.74 0.88
N ALA A 86 25.05 22.43 1.10
CA ALA A 86 26.17 21.69 1.67
C ALA A 86 27.13 21.15 0.61
N LEU A 87 26.63 20.93 -0.58
CA LEU A 87 27.46 20.44 -1.69
C LEU A 87 26.72 20.76 -2.96
N ASP A 88 27.47 21.25 -3.95
CA ASP A 88 26.93 21.64 -5.24
C ASP A 88 27.62 20.80 -6.30
N ILE A 89 26.86 20.26 -7.25
CA ILE A 89 27.41 19.40 -8.29
C ILE A 89 28.50 20.09 -9.11
N LYS A 90 28.40 21.41 -9.28
CA LYS A 90 29.43 22.12 -10.06
C LYS A 90 30.84 22.06 -9.44
N ASP A 91 30.91 21.77 -8.15
CA ASP A 91 32.14 21.63 -7.40
C ASP A 91 32.65 20.20 -7.22
N ILE A 92 31.94 19.22 -7.76
CA ILE A 92 32.34 17.82 -7.67
C ILE A 92 33.07 17.53 -8.98
N PRO A 93 34.40 17.38 -8.94
CA PRO A 93 35.18 17.33 -10.21
C PRO A 93 34.79 16.20 -11.16
N TRP A 94 34.47 15.03 -10.62
CA TRP A 94 34.15 13.85 -11.42
C TRP A 94 32.70 13.74 -11.93
N ALA A 95 31.78 14.52 -11.37
CA ALA A 95 30.36 14.31 -11.60
C ALA A 95 29.89 15.11 -12.79
N GLY A 96 29.03 14.49 -13.60
CA GLY A 96 28.40 15.15 -14.74
C GLY A 96 26.99 15.63 -14.42
N ARG A 97 26.18 14.76 -13.83
CA ARG A 97 24.79 15.10 -13.52
C ARG A 97 24.19 14.18 -12.46
N GLN A 98 23.07 14.65 -11.92
CA GLN A 98 22.15 13.87 -11.10
C GLN A 98 22.66 13.50 -9.70
N LEU A 99 22.48 14.42 -8.76
CA LEU A 99 22.83 14.17 -7.35
C LEU A 99 21.65 13.51 -6.65
N TRP A 100 21.73 12.19 -6.52
CA TRP A 100 20.61 11.39 -6.02
C TRP A 100 20.81 11.12 -4.51
N ALA A 101 20.06 10.16 -3.95
CA ALA A 101 19.89 10.07 -2.48
C ALA A 101 21.23 9.95 -1.73
N PRO A 102 21.54 10.88 -0.83
CA PRO A 102 22.82 10.84 -0.11
C PRO A 102 22.72 10.19 1.28
N ASP A 103 23.87 9.95 1.92
CA ASP A 103 23.90 9.60 3.35
C ASP A 103 25.13 10.20 4.00
N ALA A 104 25.17 10.20 5.33
CA ALA A 104 26.29 10.74 6.09
C ALA A 104 26.74 9.80 7.18
N ALA A 105 28.00 9.98 7.59
CA ALA A 105 28.55 9.25 8.74
C ALA A 105 29.48 10.16 9.51
N SER A 106 29.71 9.77 10.76
CA SER A 106 30.57 10.55 11.66
C SER A 106 31.64 9.60 12.19
N LYS A 107 32.91 9.99 12.06
CA LYS A 107 34.00 9.24 12.68
C LYS A 107 35.11 10.18 13.10
N ASP A 108 35.53 10.05 14.38
CA ASP A 108 36.69 10.76 14.94
C ASP A 108 36.66 12.26 14.63
N GLY A 109 35.50 12.87 14.82
CA GLY A 109 35.33 14.32 14.65
C GLY A 109 35.21 14.84 13.22
N LYS A 110 35.22 13.95 12.24
CA LYS A 110 34.96 14.32 10.86
C LYS A 110 33.59 13.80 10.45
N TYR A 111 33.00 14.49 9.49
CA TYR A 111 31.71 14.11 8.92
C TYR A 111 31.87 13.84 7.43
N TYR A 112 31.25 12.77 6.96
CA TYR A 112 31.42 12.27 5.60
C TYR A 112 30.06 12.19 4.93
N LEU A 113 29.92 12.87 3.79
CA LEU A 113 28.71 12.82 2.99
C LEU A 113 28.96 11.90 1.81
N TYR A 114 28.16 10.84 1.68
CA TYR A 114 28.27 9.87 0.61
C TYR A 114 27.14 10.12 -0.35
N PHE A 115 27.45 10.16 -1.65
CA PHE A 115 26.46 10.58 -2.62
C PHE A 115 26.64 9.87 -3.96
N PRO A 116 25.52 9.51 -4.59
CA PRO A 116 25.52 8.93 -5.93
C PRO A 116 25.38 10.05 -6.96
N ALA A 117 26.18 9.97 -8.02
CA ALA A 117 26.04 10.88 -9.16
C ALA A 117 26.55 10.20 -10.41
N LYS A 118 26.09 10.65 -11.57
CA LYS A 118 26.62 10.14 -12.84
C LYS A 118 27.95 10.79 -13.12
N ASP A 119 28.93 9.97 -13.49
CA ASP A 119 30.22 10.48 -13.93
C ASP A 119 30.06 10.97 -15.37
N LYS A 120 31.17 11.37 -15.99
CA LYS A 120 31.11 11.97 -17.32
C LYS A 120 30.84 10.98 -18.46
N GLU A 121 30.91 9.67 -18.18
CA GLU A 121 30.45 8.64 -19.11
C GLU A 121 29.01 8.17 -18.81
N ASP A 122 28.29 8.93 -17.98
CA ASP A 122 26.90 8.65 -17.61
C ASP A 122 26.71 7.34 -16.84
N ILE A 123 27.72 7.00 -16.03
CA ILE A 123 27.71 5.84 -15.17
C ILE A 123 27.59 6.31 -13.71
N PHE A 124 26.57 5.86 -12.99
CA PHE A 124 26.45 6.18 -11.55
C PHE A 124 27.61 5.62 -10.76
N ARG A 125 28.21 6.47 -9.94
CA ARG A 125 29.25 6.10 -8.98
C ARG A 125 28.90 6.74 -7.66
N ILE A 126 29.59 6.34 -6.60
CA ILE A 126 29.37 6.93 -5.29
C ILE A 126 30.64 7.60 -4.82
N GLY A 127 30.51 8.89 -4.43
CA GLY A 127 31.61 9.69 -3.94
C GLY A 127 31.43 10.09 -2.49
N VAL A 128 32.48 10.67 -1.93
CA VAL A 128 32.43 11.14 -0.57
C VAL A 128 32.89 12.58 -0.54
N ALA A 129 32.33 13.33 0.40
CA ALA A 129 32.75 14.70 0.68
C ALA A 129 32.92 14.84 2.19
N VAL A 130 33.82 15.71 2.62
CA VAL A 130 34.28 15.73 4.01
C VAL A 130 34.06 17.10 4.68
N SER A 131 33.62 17.07 5.93
CA SER A 131 33.44 18.30 6.73
C SER A 131 33.84 18.07 8.18
N ASP A 132 34.00 19.17 8.90
CA ASP A 132 34.19 19.16 10.33
C ASP A 132 32.87 19.36 11.10
N SER A 133 31.76 19.51 10.38
CA SER A 133 30.45 19.72 10.99
C SER A 133 29.40 18.78 10.37
N PRO A 134 28.46 18.27 11.18
CA PRO A 134 27.36 17.47 10.58
C PRO A 134 26.49 18.28 9.61
N ALA A 135 26.51 19.61 9.75
CA ALA A 135 25.73 20.50 8.91
C ALA A 135 26.44 20.90 7.62
N GLY A 136 27.68 20.45 7.42
CA GLY A 136 28.45 20.83 6.27
C GLY A 136 28.93 22.27 6.39
N PRO A 137 29.35 22.90 5.28
CA PRO A 137 29.41 22.28 3.96
C PRO A 137 30.55 21.26 3.81
N PHE A 138 30.51 20.48 2.75
CA PHE A 138 31.44 19.35 2.56
C PHE A 138 32.31 19.56 1.33
N LYS A 139 33.60 19.21 1.45
CA LYS A 139 34.54 19.22 0.33
C LYS A 139 34.58 17.85 -0.34
N PRO A 140 34.16 17.75 -1.62
CA PRO A 140 34.19 16.45 -2.29
C PRO A 140 35.61 15.99 -2.63
N GLU A 141 35.85 14.69 -2.52
CA GLU A 141 37.05 14.07 -3.07
C GLU A 141 36.99 14.22 -4.59
N SER A 142 38.15 14.25 -5.24
CA SER A 142 38.20 14.55 -6.68
C SER A 142 37.72 13.41 -7.57
N GLU A 143 37.79 12.18 -7.07
CA GLU A 143 37.29 11.00 -7.78
C GLU A 143 36.28 10.27 -6.90
N PRO A 144 35.39 9.47 -7.50
CA PRO A 144 34.48 8.64 -6.70
C PRO A 144 35.20 7.52 -6.00
N ILE A 145 34.50 6.84 -5.11
CA ILE A 145 35.08 5.73 -4.38
C ILE A 145 35.45 4.60 -5.35
N LYS A 146 36.69 4.11 -5.26
CA LYS A 146 37.12 3.06 -6.17
C LYS A 146 36.31 1.79 -5.90
N GLY A 147 35.80 1.18 -6.95
CA GLY A 147 34.98 -0.02 -6.83
C GLY A 147 33.50 0.24 -6.54
N SER A 148 33.10 1.50 -6.40
CA SER A 148 31.69 1.83 -6.23
C SER A 148 30.97 1.93 -7.57
N TYR A 149 29.65 1.82 -7.49
CA TYR A 149 28.78 1.91 -8.66
C TYR A 149 27.35 2.01 -8.19
N SER A 150 26.44 2.32 -9.11
CA SER A 150 25.03 2.43 -8.79
C SER A 150 24.75 3.55 -7.76
N ILE A 151 23.69 3.42 -6.98
CA ILE A 151 23.12 4.56 -6.26
C ILE A 151 22.82 4.22 -4.78
N ASP A 152 22.24 5.20 -4.09
CA ASP A 152 21.62 4.97 -2.78
C ASP A 152 22.49 4.38 -1.68
N PRO A 153 23.62 5.05 -1.37
CA PRO A 153 24.46 4.57 -0.26
C PRO A 153 23.75 4.73 1.09
N ALA A 154 23.93 3.74 1.95
CA ALA A 154 23.57 3.86 3.36
C ALA A 154 24.82 3.43 4.11
N VAL A 155 25.43 4.35 4.85
CA VAL A 155 26.62 4.02 5.62
C VAL A 155 26.24 3.81 7.08
N PHE A 156 26.41 2.57 7.53
CA PHE A 156 25.90 2.09 8.80
C PHE A 156 27.07 1.87 9.75
N LYS A 157 27.01 2.48 10.92
CA LYS A 157 27.99 2.22 11.98
C LYS A 157 27.48 1.14 12.92
N ASP A 158 28.14 -0.01 12.92
CA ASP A 158 27.76 -1.11 13.80
C ASP A 158 28.27 -0.82 15.23
N ASP A 159 27.73 -1.56 16.20
CA ASP A 159 28.06 -1.36 17.64
C ASP A 159 29.53 -1.61 17.97
N ASP A 160 30.20 -2.42 17.17
CA ASP A 160 31.63 -2.69 17.31
C ASP A 160 32.54 -1.63 16.69
N GLY A 161 31.96 -0.56 16.15
CA GLY A 161 32.70 0.53 15.54
C GLY A 161 33.07 0.33 14.07
N LYS A 162 32.65 -0.77 13.46
CA LYS A 162 32.86 -1.00 12.03
C LYS A 162 31.77 -0.28 11.25
N TYR A 163 32.15 0.31 10.13
CA TYR A 163 31.22 1.03 9.27
C TYR A 163 31.11 0.28 7.95
N TYR A 164 29.88 0.18 7.44
CA TYR A 164 29.59 -0.57 6.22
C TYR A 164 28.78 0.30 5.31
N MET A 165 29.08 0.26 4.01
CA MET A 165 28.24 0.91 3.02
C MET A 165 27.37 -0.12 2.37
N TYR A 166 26.05 0.06 2.49
CA TYR A 166 25.07 -0.66 1.72
C TYR A 166 24.73 0.21 0.52
N PHE A 167 24.56 -0.40 -0.66
CA PHE A 167 24.22 0.41 -1.83
C PHE A 167 23.60 -0.37 -2.97
N GLY A 168 23.05 0.38 -3.91
CA GLY A 168 22.51 -0.17 -5.14
C GLY A 168 21.10 0.27 -5.47
N GLY A 169 20.80 0.26 -6.76
CA GLY A 169 19.46 0.48 -7.28
C GLY A 169 19.36 -0.05 -8.70
N ILE A 170 18.29 -0.77 -9.00
CA ILE A 170 18.10 -1.35 -10.34
C ILE A 170 17.38 -0.33 -11.25
N TRP A 171 17.09 -0.75 -12.48
CA TRP A 171 16.53 0.11 -13.50
C TRP A 171 17.46 1.32 -13.71
N GLY A 172 16.97 2.54 -13.43
CA GLY A 172 17.78 3.73 -13.65
C GLY A 172 19.02 3.81 -12.78
N GLY A 173 19.04 3.09 -11.67
CA GLY A 173 20.21 3.05 -10.81
C GLY A 173 21.36 2.19 -11.32
N GLN A 174 21.12 1.41 -12.39
CA GLN A 174 22.16 0.70 -13.14
C GLN A 174 22.79 -0.52 -12.47
N LEU A 175 22.27 -0.95 -11.33
CA LEU A 175 22.91 -2.07 -10.61
C LEU A 175 22.97 -3.33 -11.47
N GLN A 176 21.91 -3.56 -12.25
CA GLN A 176 21.85 -4.70 -13.18
C GLN A 176 22.96 -4.71 -14.25
N ARG A 177 23.65 -3.59 -14.44
CA ARG A 177 24.77 -3.51 -15.42
C ARG A 177 26.14 -3.81 -14.81
N TRP A 178 26.17 -4.27 -13.55
CA TRP A 178 27.44 -4.42 -12.81
C TRP A 178 27.83 -5.82 -12.37
N THR A 179 27.25 -6.85 -12.98
CA THR A 179 27.47 -8.23 -12.53
C THR A 179 28.93 -8.76 -12.60
N THR A 180 29.76 -8.17 -13.46
CA THR A 180 31.15 -8.62 -13.69
C THR A 180 32.19 -7.75 -12.98
N GLY A 181 31.75 -6.72 -12.27
CA GLY A 181 32.67 -5.74 -11.70
C GLY A 181 33.08 -4.67 -12.69
N GLU A 182 32.52 -4.71 -13.90
CA GLU A 182 32.70 -3.67 -14.92
C GLU A 182 31.34 -3.34 -15.55
N TYR A 183 31.17 -2.08 -15.94
CA TYR A 183 29.90 -1.62 -16.47
C TYR A 183 29.58 -2.31 -17.79
N ALA A 184 28.39 -2.86 -17.90
CA ALA A 184 28.00 -3.64 -19.07
C ALA A 184 27.70 -2.77 -20.31
N GLY A 185 27.50 -1.47 -20.11
CA GLY A 185 27.32 -0.51 -21.22
C GLY A 185 25.93 0.08 -21.29
N HIS A 186 25.77 1.18 -22.02
CA HIS A 186 24.47 1.87 -22.07
C HIS A 186 23.38 1.13 -22.84
N ASP A 187 23.78 0.13 -23.64
CA ASP A 187 22.82 -0.74 -24.32
C ASP A 187 22.50 -2.03 -23.56
N ALA A 188 22.99 -2.16 -22.32
CA ALA A 188 22.69 -3.33 -21.48
C ALA A 188 21.31 -3.18 -20.82
N SER A 189 20.92 -4.17 -20.02
CA SER A 189 19.57 -4.20 -19.42
C SER A 189 19.15 -2.88 -18.79
N LYS A 190 17.93 -2.43 -19.10
CA LYS A 190 17.36 -1.24 -18.49
C LYS A 190 16.62 -1.54 -17.21
N THR A 191 16.50 -2.81 -16.82
CA THR A 191 15.70 -3.23 -15.67
C THR A 191 16.51 -4.10 -14.71
N ASP A 192 16.55 -5.41 -14.96
CA ASP A 192 17.14 -6.35 -14.01
C ASP A 192 17.87 -7.46 -14.80
N LEU A 193 18.00 -8.66 -14.24
CA LEU A 193 18.65 -9.77 -14.98
C LEU A 193 17.78 -10.35 -16.10
N GLU A 194 16.50 -10.00 -16.15
CA GLU A 194 15.57 -10.53 -17.14
C GLU A 194 15.57 -12.07 -17.07
N GLN A 195 15.56 -12.58 -15.84
CA GLN A 195 15.37 -14.00 -15.58
C GLN A 195 14.61 -14.13 -14.29
N ASP A 196 13.29 -14.10 -14.42
CA ASP A 196 12.41 -14.00 -13.28
C ASP A 196 12.40 -15.22 -12.38
N ASP A 197 12.85 -16.37 -12.88
CA ASP A 197 12.94 -17.56 -12.05
C ASP A 197 14.31 -17.75 -11.39
N ALA A 198 15.25 -16.84 -11.65
CA ALA A 198 16.52 -16.81 -10.94
C ALA A 198 16.35 -15.92 -9.70
N PRO A 199 17.25 -16.07 -8.71
CA PRO A 199 17.24 -15.13 -7.59
C PRO A 199 17.30 -13.67 -8.09
N ALA A 200 16.57 -12.79 -7.41
CA ALA A 200 16.62 -11.38 -7.71
C ALA A 200 18.01 -10.83 -7.42
N ILE A 201 18.33 -9.71 -8.04
CA ILE A 201 19.55 -8.98 -7.74
C ILE A 201 19.49 -8.51 -6.28
N GLY A 202 20.61 -8.67 -5.57
CA GLY A 202 20.69 -8.20 -4.20
C GLY A 202 21.43 -6.88 -4.10
N PRO A 203 21.17 -6.12 -3.03
CA PRO A 203 21.96 -4.93 -2.78
C PRO A 203 23.40 -5.29 -2.41
N ARG A 204 24.26 -4.29 -2.43
CA ARG A 204 25.69 -4.45 -2.20
C ARG A 204 26.10 -3.98 -0.84
N ILE A 205 27.20 -4.53 -0.33
CA ILE A 205 27.80 -4.09 0.93
C ILE A 205 29.31 -4.11 0.83
N ALA A 206 29.96 -3.14 1.46
CA ALA A 206 31.39 -3.21 1.72
C ALA A 206 31.73 -2.55 3.05
N LEU A 207 32.57 -3.21 3.83
CA LEU A 207 33.25 -2.60 4.94
C LEU A 207 34.03 -1.39 4.45
N MET A 208 33.92 -0.30 5.19
CA MET A 208 34.63 0.94 4.88
C MET A 208 36.04 0.89 5.45
N SER A 209 36.94 1.57 4.75
CA SER A 209 38.31 1.77 5.22
C SER A 209 38.32 2.58 6.50
N ASP A 210 39.43 2.52 7.22
CA ASP A 210 39.56 3.29 8.46
C ASP A 210 39.38 4.80 8.22
N ASP A 211 39.88 5.30 7.09
CA ASP A 211 39.79 6.74 6.79
C ASP A 211 38.47 7.16 6.12
N MET A 212 37.56 6.20 5.90
CA MET A 212 36.20 6.44 5.40
C MET A 212 36.11 6.90 3.94
N LEU A 213 37.21 6.81 3.18
CA LEU A 213 37.24 7.30 1.80
C LEU A 213 37.20 6.15 0.78
N SER A 214 37.30 4.91 1.24
CA SER A 214 37.39 3.78 0.32
C SER A 214 36.78 2.53 0.97
N PHE A 215 36.64 1.50 0.16
CA PHE A 215 36.18 0.20 0.65
C PHE A 215 37.39 -0.61 1.13
N ALA A 216 37.18 -1.38 2.20
CA ALA A 216 38.22 -2.18 2.84
C ALA A 216 38.25 -3.64 2.36
N GLU A 217 37.34 -4.00 1.45
CA GLU A 217 37.23 -5.36 0.92
C GLU A 217 36.58 -5.31 -0.44
N PRO A 218 36.66 -6.42 -1.18
CA PRO A 218 35.84 -6.51 -2.40
C PRO A 218 34.35 -6.43 -2.05
N VAL A 219 33.61 -5.72 -2.88
CA VAL A 219 32.16 -5.53 -2.68
C VAL A 219 31.47 -6.90 -2.69
N LYS A 220 30.54 -7.08 -1.76
CA LYS A 220 29.75 -8.31 -1.62
C LYS A 220 28.30 -8.04 -1.99
N GLU A 221 27.60 -9.09 -2.44
CA GLU A 221 26.16 -9.01 -2.69
C GLU A 221 25.40 -9.68 -1.56
N ILE A 222 24.31 -9.06 -1.15
CA ILE A 222 23.49 -9.56 -0.04
C ILE A 222 22.40 -10.48 -0.56
N SER A 223 22.24 -11.63 0.10
CA SER A 223 21.21 -12.60 -0.23
C SER A 223 19.97 -12.30 0.61
N ILE A 224 18.84 -12.17 -0.05
CA ILE A 224 17.56 -12.01 0.64
C ILE A 224 16.71 -13.25 0.31
N VAL A 225 16.19 -13.87 1.36
CA VAL A 225 15.41 -15.10 1.24
C VAL A 225 14.03 -14.94 1.83
N ASP A 226 13.13 -15.84 1.46
CA ASP A 226 11.83 -15.90 2.10
C ASP A 226 11.88 -16.68 3.42
N GLU A 227 10.72 -16.85 4.03
CA GLU A 227 10.62 -17.47 5.35
C GLU A 227 11.01 -18.96 5.32
N GLN A 228 10.91 -19.58 4.15
CA GLN A 228 11.36 -20.96 3.91
C GLN A 228 12.87 -21.08 3.63
N GLY A 229 13.58 -19.95 3.51
CA GLY A 229 15.00 -19.95 3.16
C GLY A 229 15.29 -19.96 1.66
N ASN A 230 14.27 -19.81 0.82
CA ASN A 230 14.47 -19.79 -0.64
C ASN A 230 14.73 -18.36 -1.13
N PRO A 231 15.64 -18.19 -2.11
CA PRO A 231 15.91 -16.83 -2.57
C PRO A 231 14.64 -16.14 -3.06
N ILE A 232 14.52 -14.85 -2.74
CA ILE A 232 13.51 -14.03 -3.40
C ILE A 232 13.87 -13.95 -4.87
N LEU A 233 12.89 -14.23 -5.73
CA LEU A 233 13.12 -14.35 -7.16
C LEU A 233 12.93 -13.03 -7.88
N GLY A 234 13.58 -12.92 -9.04
CA GLY A 234 13.46 -11.77 -9.89
C GLY A 234 12.03 -11.39 -10.25
N GLY A 235 11.15 -12.37 -10.45
CA GLY A 235 9.74 -12.07 -10.77
C GLY A 235 8.88 -11.62 -9.60
N ASP A 236 9.41 -11.69 -8.37
CA ASP A 236 8.65 -11.37 -7.18
C ASP A 236 8.81 -9.87 -6.88
N HIS A 237 8.15 -9.04 -7.67
CA HIS A 237 8.35 -7.59 -7.57
C HIS A 237 7.79 -7.01 -6.27
N ASP A 238 6.88 -7.72 -5.61
CA ASP A 238 6.33 -7.24 -4.34
C ASP A 238 7.38 -7.27 -3.21
N ARG A 239 8.37 -8.15 -3.31
CA ARG A 239 9.35 -8.36 -2.25
C ARG A 239 10.80 -8.11 -2.62
N ARG A 240 11.14 -8.14 -3.91
CA ARG A 240 12.55 -8.10 -4.30
C ARG A 240 13.12 -6.68 -4.25
N PHE A 241 14.40 -6.61 -3.95
CA PHE A 241 15.14 -5.34 -3.87
C PHE A 241 15.07 -4.47 -5.12
N PHE A 242 14.71 -3.19 -4.95
CA PHE A 242 14.79 -2.24 -6.06
C PHE A 242 15.80 -1.14 -5.80
N GLU A 243 15.69 -0.45 -4.66
CA GLU A 243 16.58 0.66 -4.34
C GLU A 243 16.40 1.04 -2.84
N ALA A 244 17.12 2.06 -2.41
CA ALA A 244 16.93 2.66 -1.07
C ALA A 244 17.21 1.70 0.09
N ALA A 245 18.33 0.98 0.02
CA ALA A 245 18.74 0.17 1.17
C ALA A 245 18.93 1.02 2.42
N TRP A 246 18.54 0.47 3.57
CA TRP A 246 18.82 1.06 4.88
C TRP A 246 19.08 -0.06 5.87
N MET A 247 20.01 0.17 6.79
CA MET A 247 20.34 -0.79 7.85
C MET A 247 20.11 -0.15 9.22
N HIS A 248 19.40 -0.84 10.10
CA HIS A 248 19.40 -0.44 11.51
C HIS A 248 19.38 -1.68 12.36
N LYS A 249 19.67 -1.53 13.64
CA LYS A 249 19.66 -2.67 14.57
C LYS A 249 18.66 -2.48 15.67
N TYR A 250 18.03 -3.58 16.07
CA TYR A 250 17.08 -3.59 17.18
C TYR A 250 17.21 -4.92 17.89
N ASN A 251 17.45 -4.88 19.20
CA ASN A 251 17.57 -6.13 19.97
C ASN A 251 18.66 -7.08 19.45
N GLY A 252 19.75 -6.56 18.93
CA GLY A 252 20.81 -7.40 18.39
C GLY A 252 20.59 -7.93 16.98
N THR A 253 19.41 -7.72 16.41
CA THR A 253 19.07 -8.17 15.06
C THR A 253 19.31 -7.03 14.06
N TYR A 254 19.79 -7.43 12.88
CA TYR A 254 20.06 -6.50 11.76
C TYR A 254 18.84 -6.44 10.85
N TYR A 255 18.39 -5.22 10.56
CA TYR A 255 17.20 -4.97 9.74
C TYR A 255 17.61 -4.30 8.43
N LEU A 256 17.53 -5.04 7.35
CA LEU A 256 17.74 -4.50 6.02
C LEU A 256 16.38 -4.10 5.50
N SER A 257 16.19 -2.80 5.32
CA SER A 257 14.94 -2.32 4.73
C SER A 257 15.23 -1.65 3.38
N TYR A 258 14.23 -1.58 2.53
CA TYR A 258 14.44 -1.14 1.14
C TYR A 258 13.13 -0.92 0.43
N SER A 259 13.23 -0.18 -0.66
CA SER A 259 12.12 0.04 -1.58
C SER A 259 12.04 -1.04 -2.63
N THR A 260 10.81 -1.45 -2.98
CA THR A 260 10.55 -2.44 -4.04
C THR A 260 10.21 -1.76 -5.39
N GLY A 261 10.26 -0.43 -5.45
CA GLY A 261 10.23 0.26 -6.74
C GLY A 261 8.89 0.26 -7.43
N ASP A 262 8.75 -0.57 -8.44
CA ASP A 262 7.52 -0.59 -9.24
C ASP A 262 6.31 -1.12 -8.49
N THR A 263 6.51 -1.74 -7.32
CA THR A 263 5.42 -2.10 -6.43
C THR A 263 5.26 -1.16 -5.22
N HIS A 264 6.19 -0.23 -5.04
CA HIS A 264 6.00 0.98 -4.21
C HIS A 264 5.98 0.74 -2.71
N TYR A 265 6.56 -0.37 -2.24
CA TYR A 265 6.61 -0.66 -0.82
C TYR A 265 8.00 -0.37 -0.26
N ILE A 266 8.02 0.03 1.01
CA ILE A 266 9.20 -0.17 1.83
C ILE A 266 8.95 -1.46 2.57
N VAL A 267 9.89 -2.40 2.45
CA VAL A 267 9.82 -3.67 3.15
C VAL A 267 11.07 -3.89 3.99
N TYR A 268 11.04 -4.92 4.83
CA TYR A 268 12.20 -5.24 5.64
C TYR A 268 12.46 -6.74 5.74
N ALA A 269 13.71 -7.04 6.02
CA ALA A 269 14.20 -8.41 6.15
C ALA A 269 15.22 -8.41 7.28
N THR A 270 15.30 -9.51 8.03
CA THR A 270 16.14 -9.56 9.23
C THR A 270 17.25 -10.61 9.13
N GLY A 271 18.37 -10.31 9.78
CA GLY A 271 19.54 -11.20 9.77
C GLY A 271 20.35 -11.04 11.03
N ASP A 272 21.39 -11.87 11.18
CA ASP A 272 22.21 -11.85 12.40
C ASP A 272 23.57 -11.22 12.27
N ASN A 273 23.87 -10.64 11.10
CA ASN A 273 25.15 -9.96 10.90
C ASN A 273 25.02 -8.99 9.71
N PRO A 274 25.98 -8.08 9.53
CA PRO A 274 25.84 -7.07 8.47
C PRO A 274 25.61 -7.60 7.05
N TYR A 275 26.20 -8.76 6.75
CA TYR A 275 26.23 -9.30 5.39
C TYR A 275 25.04 -10.18 5.06
N GLY A 276 24.23 -10.50 6.06
CA GLY A 276 23.07 -11.37 5.84
C GLY A 276 23.51 -12.83 5.80
N PRO A 277 22.70 -13.72 5.23
CA PRO A 277 21.46 -13.40 4.50
C PRO A 277 20.37 -12.82 5.37
N PHE A 278 19.42 -12.14 4.73
CA PHE A 278 18.30 -11.50 5.41
C PHE A 278 17.02 -12.19 4.98
N THR A 279 16.15 -12.46 5.95
CA THR A 279 14.88 -13.17 5.71
C THR A 279 13.79 -12.12 5.63
N TYR A 280 13.12 -12.05 4.48
CA TYR A 280 11.98 -11.14 4.27
C TYR A 280 10.94 -11.32 5.38
N ARG A 281 10.51 -10.21 5.99
CA ARG A 281 9.51 -10.25 7.08
C ARG A 281 8.17 -9.62 6.71
N GLY A 282 8.21 -8.42 6.15
CA GLY A 282 6.97 -7.74 5.77
C GLY A 282 7.17 -6.29 5.36
N VAL A 283 6.06 -5.56 5.36
CA VAL A 283 6.03 -4.19 4.87
C VAL A 283 6.25 -3.21 6.01
N ILE A 284 7.12 -2.23 5.80
CA ILE A 284 7.32 -1.09 6.71
C ILE A 284 6.34 0.03 6.36
N LEU A 285 6.29 0.37 5.08
CA LEU A 285 5.50 1.52 4.61
C LEU A 285 4.80 1.16 3.32
N ASN A 286 3.49 1.29 3.32
CA ASN A 286 2.71 1.15 2.11
C ASN A 286 2.91 2.30 1.12
N PRO A 287 2.38 2.15 -0.12
CA PRO A 287 2.69 3.13 -1.14
C PRO A 287 2.19 4.54 -0.84
N VAL A 288 2.96 5.52 -1.29
CA VAL A 288 2.70 6.92 -1.03
C VAL A 288 2.18 7.57 -2.31
N ILE A 289 1.87 8.86 -2.20
CA ILE A 289 1.58 9.71 -3.34
C ILE A 289 2.88 9.91 -4.09
N GLY A 290 2.86 9.64 -5.39
CA GLY A 290 4.04 9.66 -6.23
C GLY A 290 4.75 8.30 -6.33
N TRP A 291 5.49 8.11 -7.41
CA TRP A 291 6.02 6.79 -7.74
C TRP A 291 7.05 6.28 -6.73
N THR A 292 7.98 7.14 -6.32
CA THR A 292 9.08 6.68 -5.47
C THR A 292 8.67 6.55 -4.00
N ASN A 293 9.42 5.73 -3.29
CA ASN A 293 9.20 5.53 -1.87
C ASN A 293 10.59 5.34 -1.29
N HIS A 294 11.00 6.21 -0.39
CA HIS A 294 12.37 6.21 0.13
C HIS A 294 12.37 6.69 1.58
N HIS A 295 13.04 5.96 2.44
CA HIS A 295 12.87 6.14 3.87
C HIS A 295 14.19 6.06 4.63
N SER A 296 14.11 6.34 5.92
CA SER A 296 15.13 5.89 6.87
C SER A 296 14.48 5.68 8.23
N ILE A 297 15.17 4.93 9.08
CA ILE A 297 14.66 4.50 10.38
C ILE A 297 15.72 4.87 11.41
N VAL A 298 15.34 5.65 12.42
CA VAL A 298 16.31 6.20 13.36
C VAL A 298 15.72 6.29 14.77
N GLU A 299 16.55 6.02 15.77
CA GLU A 299 16.15 6.14 17.17
C GLU A 299 16.62 7.49 17.71
N PHE A 300 15.72 8.22 18.35
CA PHE A 300 16.00 9.54 18.89
C PHE A 300 15.21 9.70 20.18
N ASN A 301 15.95 9.99 21.27
CA ASN A 301 15.36 10.10 22.62
C ASN A 301 14.53 8.89 22.99
N GLY A 302 14.99 7.71 22.58
CA GLY A 302 14.35 6.44 22.92
C GLY A 302 13.07 6.08 22.16
N LYS A 303 12.73 6.86 21.13
CA LYS A 303 11.64 6.55 20.21
C LYS A 303 12.22 6.27 18.83
N TRP A 304 11.58 5.37 18.10
CA TRP A 304 11.97 5.07 16.74
C TRP A 304 11.08 5.85 15.77
N TYR A 305 11.71 6.40 14.73
CA TYR A 305 11.05 7.22 13.73
C TYR A 305 11.32 6.66 12.32
N LEU A 306 10.29 6.72 11.49
CA LEU A 306 10.37 6.47 10.06
C LEU A 306 10.29 7.83 9.36
N PHE A 307 11.40 8.25 8.78
CA PHE A 307 11.43 9.37 7.82
C PHE A 307 11.13 8.84 6.42
N TYR A 308 10.29 9.55 5.66
CA TYR A 308 9.93 9.10 4.33
C TYR A 308 9.57 10.33 3.50
N HIS A 309 9.17 10.12 2.25
CA HIS A 309 8.68 11.23 1.43
C HIS A 309 7.42 10.91 0.67
N ASP A 310 6.81 11.95 0.12
CA ASP A 310 5.77 11.76 -0.88
C ASP A 310 5.71 12.97 -1.81
N SER A 311 4.79 12.92 -2.77
CA SER A 311 4.59 14.01 -3.73
C SER A 311 3.33 14.84 -3.42
N SER A 312 2.95 14.92 -2.15
CA SER A 312 1.74 15.64 -1.71
C SER A 312 1.86 17.16 -1.94
N LEU A 313 2.98 17.74 -1.53
CA LEU A 313 3.15 19.20 -1.61
C LEU A 313 3.10 19.73 -3.03
N SER A 314 3.62 18.98 -4.01
CA SER A 314 3.58 19.38 -5.41
C SER A 314 2.27 19.01 -6.14
N GLY A 315 1.29 18.49 -5.43
CA GLY A 315 0.07 18.01 -6.04
C GLY A 315 0.23 16.75 -6.88
N GLY A 316 1.21 15.92 -6.53
CA GLY A 316 1.36 14.61 -7.14
C GLY A 316 2.47 14.45 -8.17
N LYS A 317 3.40 15.40 -8.27
CA LYS A 317 4.50 15.28 -9.23
C LYS A 317 5.58 14.38 -8.66
N THR A 318 5.84 13.28 -9.37
CA THR A 318 6.78 12.26 -8.89
C THR A 318 8.16 12.82 -8.53
N HIS A 319 8.63 13.79 -9.30
CA HIS A 319 9.96 14.39 -9.08
C HIS A 319 10.02 15.64 -8.17
N LEU A 320 8.90 16.03 -7.56
CA LEU A 320 8.87 17.16 -6.63
C LEU A 320 8.25 16.66 -5.32
N ARG A 321 9.13 16.24 -4.42
CA ARG A 321 8.70 15.54 -3.22
C ARG A 321 8.84 16.42 -1.98
N CYS A 322 8.32 15.92 -0.87
CA CYS A 322 8.53 16.51 0.44
C CYS A 322 8.72 15.42 1.48
N ILE A 323 9.68 15.63 2.38
CA ILE A 323 9.93 14.66 3.44
C ILE A 323 8.92 14.79 4.58
N LYS A 324 8.62 13.65 5.20
CA LYS A 324 7.70 13.55 6.34
C LYS A 324 8.31 12.59 7.37
N VAL A 325 7.72 12.55 8.55
CA VAL A 325 8.17 11.65 9.61
C VAL A 325 7.00 11.12 10.39
N THR A 326 7.11 9.88 10.84
CA THR A 326 6.13 9.32 11.76
C THR A 326 6.81 8.35 12.71
N GLU A 327 6.15 8.05 13.83
CA GLU A 327 6.68 7.08 14.78
C GLU A 327 6.57 5.66 14.25
N LEU A 328 7.62 4.87 14.49
CA LEU A 328 7.69 3.47 14.07
C LEU A 328 7.70 2.58 15.30
N THR A 329 6.93 1.49 15.23
CA THR A 329 6.75 0.58 16.36
C THR A 329 7.32 -0.80 16.10
N HIS A 330 8.40 -1.15 16.80
CA HIS A 330 8.89 -2.53 16.87
C HIS A 330 8.12 -3.26 17.95
N ASN A 331 7.80 -4.52 17.71
CA ASN A 331 7.30 -5.42 18.75
C ASN A 331 8.53 -6.09 19.36
N ALA A 332 8.38 -6.62 20.57
CA ALA A 332 9.53 -7.22 21.26
C ALA A 332 10.04 -8.45 20.56
N ASP A 333 9.20 -9.11 19.75
CA ASP A 333 9.63 -10.24 18.94
C ASP A 333 10.39 -9.83 17.66
N GLY A 334 10.63 -8.53 17.50
CA GLY A 334 11.41 -8.04 16.37
C GLY A 334 10.60 -7.68 15.12
N THR A 335 9.32 -8.02 15.07
CA THR A 335 8.46 -7.57 13.99
C THR A 335 8.19 -6.07 14.12
N ILE A 336 7.87 -5.44 12.98
CA ILE A 336 7.59 -4.01 12.94
C ILE A 336 6.17 -3.86 12.41
N GLU A 337 5.40 -2.98 13.04
CA GLU A 337 4.03 -2.68 12.61
C GLU A 337 4.05 -1.91 11.28
N THR A 338 3.26 -2.36 10.32
CA THR A 338 3.21 -1.69 9.02
C THR A 338 2.56 -0.32 9.13
N ILE A 339 3.17 0.69 8.53
CA ILE A 339 2.61 2.04 8.44
C ILE A 339 1.91 2.22 7.09
N SER A 340 0.67 2.70 7.14
CA SER A 340 -0.05 3.12 5.95
C SER A 340 -0.09 4.64 6.04
N PRO A 341 0.41 5.33 5.01
CA PRO A 341 0.71 6.76 5.16
C PRO A 341 -0.46 7.70 5.35
N TYR A 342 -1.68 7.34 4.91
CA TYR A 342 -2.79 8.31 4.88
C TYR A 342 -4.01 7.81 5.64
N ILE A 343 -3.79 7.12 6.76
CA ILE A 343 -4.93 6.57 7.49
C ILE A 343 -5.39 7.43 8.67
N GLU A 344 -4.50 7.74 9.60
CA GLU A 344 -4.87 8.66 10.69
C GLU A 344 -4.69 10.11 10.24
N HIS B 20 -9.22 11.41 -14.20
CA HIS B 20 -7.89 10.96 -13.70
C HIS B 20 -7.95 10.63 -12.19
N MET B 21 -8.91 9.79 -11.82
CA MET B 21 -9.15 9.41 -10.42
C MET B 21 -9.55 10.60 -9.50
N GLU B 22 -10.38 11.50 -10.03
CA GLU B 22 -11.11 12.49 -9.22
C GLU B 22 -12.34 11.80 -8.61
N PRO B 23 -12.93 12.36 -7.54
CA PRO B 23 -14.17 11.76 -7.02
C PRO B 23 -15.28 11.80 -8.07
N LEU B 24 -16.03 10.70 -8.20
CA LEU B 24 -17.12 10.63 -9.18
C LEU B 24 -18.30 11.50 -8.79
N VAL B 25 -18.45 11.70 -7.48
CA VAL B 25 -19.58 12.39 -6.89
C VAL B 25 -18.98 13.38 -5.90
N THR B 26 -19.41 14.65 -5.97
CA THR B 26 -18.91 15.70 -5.04
C THR B 26 -19.96 16.37 -4.16
N HIS B 27 -21.24 16.05 -4.38
CA HIS B 27 -22.34 16.73 -3.66
C HIS B 27 -22.85 15.96 -2.43
N ILE B 28 -22.50 14.68 -2.30
CA ILE B 28 -22.70 13.91 -1.08
C ILE B 28 -21.51 12.99 -0.92
N TYR B 29 -21.32 12.48 0.28
CA TYR B 29 -20.27 11.50 0.54
C TYR B 29 -20.79 10.10 0.17
N THR B 30 -19.95 9.32 -0.52
CA THR B 30 -20.33 8.00 -1.02
C THR B 30 -19.21 7.00 -0.73
N ALA B 31 -19.58 5.74 -0.53
CA ALA B 31 -18.62 4.68 -0.20
C ALA B 31 -19.08 3.35 -0.77
N ASP B 32 -18.22 2.35 -0.67
CA ASP B 32 -18.57 0.97 -0.95
C ASP B 32 -19.26 0.76 -2.30
N PRO B 33 -18.61 1.17 -3.39
CA PRO B 33 -19.27 1.14 -4.69
C PRO B 33 -19.41 -0.27 -5.25
N SER B 34 -20.65 -0.73 -5.44
CA SER B 34 -20.93 -1.98 -6.16
C SER B 34 -21.54 -1.64 -7.52
N ALA B 35 -20.78 -1.87 -8.59
CA ALA B 35 -21.16 -1.44 -9.94
C ALA B 35 -21.62 -2.62 -10.79
N HIS B 36 -22.69 -2.38 -11.57
CA HIS B 36 -23.32 -3.36 -12.44
C HIS B 36 -23.66 -2.73 -13.77
N VAL B 37 -23.71 -3.52 -14.83
CA VAL B 37 -24.22 -3.04 -16.11
C VAL B 37 -25.65 -3.54 -16.25
N PHE B 38 -26.60 -2.61 -16.17
CA PHE B 38 -28.03 -2.88 -16.38
C PHE B 38 -28.52 -1.93 -17.48
N ASP B 39 -29.31 -2.44 -18.42
CA ASP B 39 -29.86 -1.63 -19.55
C ASP B 39 -28.79 -0.86 -20.32
N GLY B 40 -27.63 -1.47 -20.51
CA GLY B 40 -26.50 -0.82 -21.19
C GLY B 40 -25.87 0.38 -20.51
N LYS B 41 -26.19 0.63 -19.23
CA LYS B 41 -25.57 1.68 -18.42
C LYS B 41 -24.85 1.05 -17.23
N VAL B 42 -23.93 1.79 -16.63
CA VAL B 42 -23.33 1.39 -15.36
C VAL B 42 -24.18 1.94 -14.22
N TYR B 43 -24.72 1.06 -13.39
CA TYR B 43 -25.40 1.47 -12.17
C TYR B 43 -24.51 1.15 -11.00
N ILE B 44 -24.39 2.10 -10.07
CA ILE B 44 -23.53 1.94 -8.90
C ILE B 44 -24.41 1.99 -7.66
N TYR B 45 -24.19 1.04 -6.76
CA TYR B 45 -24.94 0.89 -5.50
C TYR B 45 -23.96 1.10 -4.37
N PRO B 46 -23.82 2.36 -3.90
CA PRO B 46 -22.89 2.67 -2.82
C PRO B 46 -23.61 2.95 -1.51
N SER B 47 -22.85 2.98 -0.44
CA SER B 47 -23.33 3.53 0.82
C SER B 47 -23.34 5.05 0.70
N HIS B 48 -24.26 5.69 1.43
CA HIS B 48 -24.36 7.15 1.50
C HIS B 48 -23.88 7.58 2.88
N ASP B 49 -22.65 8.08 2.95
CA ASP B 49 -22.02 8.44 4.20
C ASP B 49 -22.61 9.74 4.73
N ILE B 50 -22.74 9.84 6.04
CA ILE B 50 -23.25 11.06 6.67
C ILE B 50 -22.44 11.29 7.93
N ASP B 51 -22.38 12.54 8.35
CA ASP B 51 -21.57 12.92 9.49
C ASP B 51 -22.43 12.83 10.75
N ALA B 52 -22.61 11.61 11.24
CA ALA B 52 -23.45 11.34 12.41
C ALA B 52 -22.82 11.74 13.75
N GLY B 53 -21.50 11.94 13.79
CA GLY B 53 -20.82 12.39 15.01
C GLY B 53 -20.66 11.36 16.13
N THR B 54 -20.93 10.08 15.85
CA THR B 54 -20.65 8.99 16.79
C THR B 54 -19.15 8.66 16.67
N PRO B 55 -18.37 8.74 17.79
CA PRO B 55 -16.90 8.58 17.62
C PRO B 55 -16.41 7.19 17.15
N GLU B 56 -15.23 7.18 16.53
CA GLU B 56 -14.69 6.01 15.85
C GLU B 56 -14.27 4.92 16.84
N ASN B 57 -14.76 3.70 16.62
CA ASN B 57 -14.34 2.53 17.40
C ASN B 57 -14.23 1.26 16.55
N ASP B 58 -13.67 0.23 17.14
CA ASP B 58 -13.43 -1.04 16.46
C ASP B 58 -14.68 -1.72 15.93
N MET B 59 -15.84 -1.45 16.54
CA MET B 59 -17.10 -2.06 16.08
C MET B 59 -17.82 -1.24 14.99
N GLY B 60 -17.26 -0.09 14.61
CA GLY B 60 -17.75 0.65 13.45
C GLY B 60 -18.93 1.56 13.73
N ASP B 61 -19.08 2.02 14.98
CA ASP B 61 -20.20 2.89 15.34
C ASP B 61 -20.20 4.23 14.60
N HIS B 62 -19.02 4.68 14.20
CA HIS B 62 -18.87 5.86 13.31
C HIS B 62 -19.55 5.80 11.93
N PHE B 63 -19.89 4.59 11.47
CA PHE B 63 -20.63 4.37 10.24
C PHE B 63 -22.09 4.20 10.58
N ASP B 64 -22.85 5.28 10.52
CA ASP B 64 -24.26 5.27 10.96
C ASP B 64 -25.20 5.69 9.81
N MET B 65 -24.95 5.14 8.63
CA MET B 65 -25.71 5.52 7.43
C MET B 65 -27.18 5.09 7.53
N ARG B 66 -28.05 5.83 6.84
CA ARG B 66 -29.49 5.65 6.94
C ARG B 66 -30.24 5.47 5.62
N ASP B 67 -29.59 5.68 4.48
CA ASP B 67 -30.27 5.47 3.21
C ASP B 67 -29.29 5.13 2.11
N TYR B 68 -29.83 4.75 0.97
CA TYR B 68 -29.05 4.56 -0.25
C TYR B 68 -29.60 5.43 -1.39
N HIS B 69 -28.66 6.03 -2.13
CA HIS B 69 -28.90 6.62 -3.45
C HIS B 69 -28.26 5.75 -4.49
N VAL B 70 -28.97 5.44 -5.57
CA VAL B 70 -28.38 4.72 -6.71
C VAL B 70 -27.80 5.76 -7.68
N LEU B 71 -26.62 5.44 -8.22
CA LEU B 71 -25.95 6.31 -9.20
C LEU B 71 -25.86 5.62 -10.55
N SER B 72 -25.78 6.38 -11.64
CA SER B 72 -25.53 5.76 -12.92
C SER B 72 -24.65 6.61 -13.81
N MET B 73 -23.97 5.93 -14.72
CA MET B 73 -23.15 6.53 -15.77
C MET B 73 -23.50 5.88 -17.11
N ASN B 74 -23.50 6.67 -18.18
CA ASN B 74 -23.68 6.13 -19.55
C ASN B 74 -22.36 5.76 -20.22
N SER B 75 -21.25 6.33 -19.72
CA SER B 75 -19.92 6.03 -20.20
C SER B 75 -18.94 6.24 -19.06
N ILE B 76 -17.77 5.63 -19.16
CA ILE B 76 -16.65 5.88 -18.24
C ILE B 76 -15.47 6.39 -19.07
N PRO B 77 -14.99 7.62 -18.85
CA PRO B 77 -15.58 8.58 -17.92
C PRO B 77 -16.92 9.09 -18.43
N GLY B 78 -17.66 9.74 -17.55
CA GLY B 78 -18.93 10.33 -17.91
C GLY B 78 -19.62 10.96 -16.73
N GLU B 79 -20.68 11.68 -17.02
CA GLU B 79 -21.49 12.33 -16.01
C GLU B 79 -22.17 11.27 -15.16
N VAL B 80 -22.18 11.51 -13.86
CA VAL B 80 -22.79 10.60 -12.90
C VAL B 80 -24.13 11.19 -12.48
N THR B 81 -25.19 10.42 -12.65
CA THR B 81 -26.51 10.82 -12.24
C THR B 81 -26.84 10.22 -10.89
N ASP B 82 -27.30 11.07 -9.98
CA ASP B 82 -27.80 10.66 -8.68
C ASP B 82 -29.30 10.52 -8.81
N HIS B 83 -29.83 9.31 -8.65
CA HIS B 83 -31.28 9.07 -8.82
C HIS B 83 -32.12 9.33 -7.58
N GLY B 84 -31.52 9.92 -6.53
CA GLY B 84 -32.22 10.22 -5.31
C GLY B 84 -32.27 9.04 -4.37
N VAL B 85 -33.04 9.18 -3.29
CA VAL B 85 -33.14 8.11 -2.29
C VAL B 85 -33.87 6.92 -2.92
N ALA B 86 -33.21 5.78 -2.89
CA ALA B 86 -33.77 4.50 -3.36
C ALA B 86 -34.38 3.68 -2.22
N LEU B 87 -33.87 3.87 -1.00
CA LEU B 87 -34.35 3.15 0.18
C LEU B 87 -33.86 3.86 1.44
N ASP B 88 -34.76 3.99 2.41
CA ASP B 88 -34.48 4.64 3.68
C ASP B 88 -34.70 3.64 4.80
N ILE B 89 -33.82 3.65 5.79
CA ILE B 89 -33.91 2.72 6.92
C ILE B 89 -35.25 2.81 7.66
N LYS B 90 -35.87 3.99 7.67
CA LYS B 90 -37.18 4.18 8.31
C LYS B 90 -38.27 3.27 7.73
N ASP B 91 -38.10 2.89 6.46
CA ASP B 91 -39.07 2.03 5.74
C ASP B 91 -38.75 0.55 5.77
N ILE B 92 -37.66 0.16 6.44
CA ILE B 92 -37.28 -1.24 6.56
C ILE B 92 -37.76 -1.72 7.93
N PRO B 93 -38.84 -2.56 7.98
CA PRO B 93 -39.46 -2.89 9.27
C PRO B 93 -38.56 -3.57 10.29
N TRP B 94 -37.65 -4.44 9.82
CA TRP B 94 -36.78 -5.20 10.71
C TRP B 94 -35.50 -4.47 11.15
N ALA B 95 -35.14 -3.40 10.45
CA ALA B 95 -33.85 -2.74 10.67
C ALA B 95 -33.91 -1.77 11.83
N GLY B 96 -32.90 -1.85 12.70
CA GLY B 96 -32.71 -0.90 13.78
C GLY B 96 -31.81 0.24 13.37
N ARG B 97 -30.62 -0.09 12.85
CA ARG B 97 -29.64 0.92 12.47
C ARG B 97 -28.58 0.38 11.50
N GLN B 98 -27.84 1.33 10.93
CA GLN B 98 -26.59 1.08 10.18
C GLN B 98 -26.79 0.36 8.86
N LEU B 99 -27.16 1.14 7.85
CA LEU B 99 -27.26 0.65 6.47
C LEU B 99 -25.89 0.67 5.84
N TRP B 100 -25.24 -0.50 5.82
CA TRP B 100 -23.89 -0.63 5.32
C TRP B 100 -23.88 -1.07 3.83
N ALA B 101 -22.74 -1.55 3.32
CA ALA B 101 -22.52 -1.69 1.87
C ALA B 101 -23.58 -2.55 1.19
N PRO B 102 -24.34 -1.99 0.23
CA PRO B 102 -25.35 -2.78 -0.50
C PRO B 102 -24.85 -3.40 -1.81
N ASP B 103 -25.67 -4.27 -2.40
CA ASP B 103 -25.45 -4.69 -3.78
C ASP B 103 -26.78 -4.88 -4.46
N ALA B 104 -26.76 -5.06 -5.78
CA ALA B 104 -28.01 -5.25 -6.53
C ALA B 104 -27.90 -6.36 -7.56
N ALA B 105 -29.04 -6.95 -7.88
CA ALA B 105 -29.13 -7.90 -8.97
C ALA B 105 -30.39 -7.65 -9.78
N SER B 106 -30.36 -8.16 -11.01
CA SER B 106 -31.46 -8.05 -11.96
C SER B 106 -31.86 -9.47 -12.40
N LYS B 107 -33.16 -9.77 -12.34
CA LYS B 107 -33.68 -11.03 -12.85
C LYS B 107 -35.13 -10.86 -13.31
N ASP B 108 -35.40 -11.28 -14.55
CA ASP B 108 -36.76 -11.33 -15.13
C ASP B 108 -37.53 -10.01 -14.95
N GLY B 109 -36.89 -8.92 -15.33
CA GLY B 109 -37.48 -7.59 -15.23
C GLY B 109 -37.73 -7.03 -13.84
N LYS B 110 -37.06 -7.59 -12.82
CA LYS B 110 -37.13 -7.06 -11.46
C LYS B 110 -35.70 -6.76 -11.04
N TYR B 111 -35.56 -5.78 -10.15
CA TYR B 111 -34.27 -5.41 -9.57
C TYR B 111 -34.37 -5.61 -8.08
N TYR B 112 -33.31 -6.18 -7.51
CA TYR B 112 -33.26 -6.57 -6.12
C TYR B 112 -32.08 -5.88 -5.48
N LEU B 113 -32.34 -5.10 -4.42
CA LEU B 113 -31.29 -4.45 -3.65
C LEU B 113 -31.08 -5.23 -2.37
N TYR B 114 -29.85 -5.70 -2.18
CA TYR B 114 -29.45 -6.49 -0.99
C TYR B 114 -28.66 -5.59 -0.07
N PHE B 115 -28.98 -5.60 1.22
CA PHE B 115 -28.36 -4.64 2.13
C PHE B 115 -28.18 -5.23 3.52
N PRO B 116 -27.03 -4.94 4.15
CA PRO B 116 -26.79 -5.30 5.52
C PRO B 116 -27.28 -4.18 6.45
N ALA B 117 -27.93 -4.59 7.53
CA ALA B 117 -28.30 -3.66 8.60
C ALA B 117 -28.43 -4.41 9.90
N LYS B 118 -28.33 -3.71 11.01
CA LYS B 118 -28.55 -4.35 12.30
C LYS B 118 -30.04 -4.43 12.56
N ASP B 119 -30.48 -5.61 13.00
CA ASP B 119 -31.87 -5.82 13.42
C ASP B 119 -32.09 -5.15 14.80
N LYS B 120 -33.30 -5.32 15.35
CA LYS B 120 -33.65 -4.70 16.64
C LYS B 120 -32.82 -5.19 17.84
N GLU B 121 -32.14 -6.34 17.70
CA GLU B 121 -31.21 -6.83 18.72
C GLU B 121 -29.74 -6.48 18.42
N ASP B 122 -29.49 -5.52 17.52
CA ASP B 122 -28.11 -5.11 17.15
C ASP B 122 -27.25 -6.21 16.50
N ILE B 123 -27.91 -7.13 15.79
CA ILE B 123 -27.26 -8.21 15.07
C ILE B 123 -27.40 -7.93 13.58
N PHE B 124 -26.26 -7.81 12.89
CA PHE B 124 -26.27 -7.61 11.43
C PHE B 124 -26.92 -8.78 10.73
N ARG B 125 -27.85 -8.45 9.82
CA ARG B 125 -28.46 -9.40 8.90
C ARG B 125 -28.51 -8.75 7.53
N ILE B 126 -28.86 -9.53 6.52
CA ILE B 126 -28.97 -9.04 5.16
C ILE B 126 -30.41 -9.19 4.69
N GLY B 127 -30.96 -8.09 4.15
CA GLY B 127 -32.31 -8.05 3.63
C GLY B 127 -32.36 -7.72 2.15
N VAL B 128 -33.55 -7.84 1.58
CA VAL B 128 -33.77 -7.53 0.20
C VAL B 128 -34.93 -6.54 0.07
N ALA B 129 -34.84 -5.71 -0.96
CA ALA B 129 -35.91 -4.84 -1.39
C ALA B 129 -36.00 -4.92 -2.90
N VAL B 130 -37.20 -4.65 -3.42
CA VAL B 130 -37.52 -4.95 -4.80
C VAL B 130 -38.08 -3.73 -5.55
N SER B 131 -37.69 -3.60 -6.81
CA SER B 131 -38.18 -2.53 -7.68
C SER B 131 -38.32 -3.01 -9.11
N ASP B 132 -39.14 -2.32 -9.91
CA ASP B 132 -39.18 -2.55 -11.36
C ASP B 132 -38.09 -1.78 -12.09
N SER B 133 -37.32 -0.95 -11.38
CA SER B 133 -36.33 -0.08 -11.98
C SER B 133 -34.99 -0.27 -11.27
N PRO B 134 -33.87 -0.21 -12.02
CA PRO B 134 -32.56 -0.33 -11.38
C PRO B 134 -32.25 0.80 -10.38
N ALA B 135 -32.90 1.96 -10.53
CA ALA B 135 -32.72 3.08 -9.60
C ALA B 135 -33.73 3.15 -8.47
N GLY B 136 -34.66 2.22 -8.41
CA GLY B 136 -35.62 2.17 -7.34
C GLY B 136 -36.76 3.16 -7.62
N PRO B 137 -37.52 3.57 -6.60
CA PRO B 137 -37.33 3.14 -5.20
C PRO B 137 -37.60 1.66 -4.98
N PHE B 138 -36.92 1.07 -3.98
CA PHE B 138 -37.05 -0.36 -3.67
C PHE B 138 -37.95 -0.56 -2.46
N LYS B 139 -38.84 -1.54 -2.54
CA LYS B 139 -39.79 -1.87 -1.48
C LYS B 139 -39.18 -3.00 -0.66
N PRO B 140 -38.87 -2.76 0.61
CA PRO B 140 -38.20 -3.80 1.41
C PRO B 140 -39.14 -4.90 1.87
N GLU B 141 -38.63 -6.13 1.90
CA GLU B 141 -39.31 -7.24 2.55
C GLU B 141 -39.32 -6.97 4.05
N SER B 142 -40.32 -7.50 4.74
CA SER B 142 -40.52 -7.15 6.13
C SER B 142 -39.54 -7.82 7.08
N GLU B 143 -38.93 -8.94 6.67
CA GLU B 143 -37.93 -9.66 7.46
C GLU B 143 -36.64 -9.80 6.66
N PRO B 144 -35.49 -9.98 7.33
CA PRO B 144 -34.24 -10.21 6.58
C PRO B 144 -34.22 -11.60 5.98
N ILE B 145 -33.23 -11.88 5.12
CA ILE B 145 -33.15 -13.18 4.47
C ILE B 145 -32.87 -14.24 5.53
N LYS B 146 -33.70 -15.29 5.55
CA LYS B 146 -33.53 -16.34 6.53
C LYS B 146 -32.20 -17.04 6.28
N GLY B 147 -31.41 -17.19 7.34
CA GLY B 147 -30.11 -17.84 7.27
C GLY B 147 -28.96 -16.89 6.93
N SER B 148 -29.26 -15.61 6.69
CA SER B 148 -28.23 -14.60 6.47
C SER B 148 -27.74 -14.05 7.78
N TYR B 149 -26.56 -13.43 7.71
CA TYR B 149 -25.96 -12.78 8.85
C TYR B 149 -24.77 -11.95 8.38
N SER B 150 -24.26 -11.11 9.26
CA SER B 150 -23.06 -10.31 8.97
C SER B 150 -23.37 -9.33 7.84
N ILE B 151 -22.36 -8.92 7.08
CA ILE B 151 -22.46 -7.75 6.23
C ILE B 151 -22.00 -8.01 4.80
N ASP B 152 -22.00 -6.94 4.00
CA ASP B 152 -21.30 -6.90 2.72
C ASP B 152 -21.72 -7.97 1.70
N PRO B 153 -23.02 -8.02 1.36
CA PRO B 153 -23.47 -8.91 0.28
C PRO B 153 -22.87 -8.55 -1.08
N ALA B 154 -22.48 -9.56 -1.84
CA ALA B 154 -22.20 -9.41 -3.27
C ALA B 154 -22.99 -10.49 -3.96
N VAL B 155 -23.97 -10.11 -4.80
CA VAL B 155 -24.78 -11.10 -5.52
C VAL B 155 -24.26 -11.21 -6.95
N PHE B 156 -23.76 -12.40 -7.27
CA PHE B 156 -23.06 -12.66 -8.50
C PHE B 156 -23.92 -13.55 -9.39
N LYS B 157 -24.13 -13.13 -10.63
CA LYS B 157 -24.83 -13.92 -11.64
C LYS B 157 -23.82 -14.62 -12.52
N ASP B 158 -23.81 -15.95 -12.47
CA ASP B 158 -22.90 -16.73 -13.29
C ASP B 158 -23.46 -16.92 -14.72
N ASP B 159 -22.61 -17.42 -15.61
CA ASP B 159 -22.93 -17.68 -17.03
C ASP B 159 -24.08 -18.63 -17.28
N ASP B 160 -24.32 -19.52 -16.34
CA ASP B 160 -25.44 -20.46 -16.38
C ASP B 160 -26.76 -19.91 -15.78
N GLY B 161 -26.79 -18.62 -15.44
CA GLY B 161 -27.98 -18.02 -14.86
C GLY B 161 -28.20 -18.30 -13.39
N LYS B 162 -27.26 -18.94 -12.71
CA LYS B 162 -27.37 -19.12 -11.27
C LYS B 162 -26.83 -17.85 -10.57
N TYR B 163 -27.49 -17.46 -9.49
CA TYR B 163 -27.10 -16.29 -8.72
C TYR B 163 -26.66 -16.73 -7.35
N TYR B 164 -25.51 -16.19 -6.89
CA TYR B 164 -24.92 -16.57 -5.60
C TYR B 164 -24.72 -15.32 -4.79
N MET B 165 -25.04 -15.37 -3.50
CA MET B 165 -24.66 -14.30 -2.57
C MET B 165 -23.38 -14.68 -1.83
N TYR B 166 -22.34 -13.86 -2.00
CA TYR B 166 -21.14 -13.86 -1.16
C TYR B 166 -21.36 -12.85 -0.06
N PHE B 167 -20.94 -13.15 1.17
CA PHE B 167 -21.16 -12.21 2.28
C PHE B 167 -20.23 -12.42 3.46
N GLY B 168 -20.20 -11.41 4.32
CA GLY B 168 -19.43 -11.45 5.54
C GLY B 168 -18.49 -10.29 5.76
N GLY B 169 -18.29 -10.00 7.04
CA GLY B 169 -17.24 -9.08 7.51
C GLY B 169 -16.94 -9.40 8.96
N ILE B 170 -15.65 -9.43 9.31
CA ILE B 170 -15.24 -9.68 10.69
C ILE B 170 -15.19 -8.38 11.49
N TRP B 171 -14.76 -8.46 12.75
CA TRP B 171 -14.74 -7.31 13.68
C TRP B 171 -16.16 -6.73 13.79
N GLY B 172 -16.38 -5.47 13.41
CA GLY B 172 -17.69 -4.85 13.50
C GLY B 172 -18.78 -5.55 12.69
N GLY B 173 -18.40 -6.25 11.64
CA GLY B 173 -19.33 -7.02 10.82
C GLY B 173 -19.86 -8.28 11.45
N GLN B 174 -19.24 -8.71 12.56
CA GLN B 174 -19.76 -9.79 13.43
C GLN B 174 -19.62 -11.22 12.89
N LEU B 175 -18.94 -11.42 11.76
CA LEU B 175 -18.89 -12.76 11.15
C LEU B 175 -18.26 -13.80 12.09
N GLN B 176 -17.27 -13.36 12.86
CA GLN B 176 -16.63 -14.19 13.90
C GLN B 176 -17.57 -14.73 14.99
N ARG B 177 -18.74 -14.12 15.16
CA ARG B 177 -19.76 -14.57 16.11
C ARG B 177 -20.75 -15.59 15.54
N TRP B 178 -20.49 -16.11 14.34
CA TRP B 178 -21.39 -17.06 13.67
C TRP B 178 -20.69 -18.39 13.35
N THR B 179 -19.62 -18.70 14.05
CA THR B 179 -18.84 -19.93 13.82
C THR B 179 -19.73 -21.18 13.88
N THR B 180 -20.65 -21.23 14.85
CA THR B 180 -21.55 -22.39 15.02
C THR B 180 -22.77 -22.39 14.09
N GLY B 181 -23.08 -21.25 13.48
CA GLY B 181 -24.29 -21.09 12.65
C GLY B 181 -25.40 -20.33 13.36
N GLU B 182 -25.19 -20.02 14.65
CA GLU B 182 -26.08 -19.15 15.43
C GLU B 182 -25.25 -18.05 16.08
N TYR B 183 -25.88 -16.94 16.43
CA TYR B 183 -25.18 -15.78 16.97
C TYR B 183 -24.60 -16.05 18.37
N ALA B 184 -23.30 -15.82 18.52
CA ALA B 184 -22.59 -16.11 19.79
C ALA B 184 -22.91 -15.12 20.91
N GLY B 185 -23.45 -13.96 20.56
CA GLY B 185 -23.92 -12.97 21.53
C GLY B 185 -23.01 -11.76 21.53
N HIS B 186 -23.46 -10.65 22.12
CA HIS B 186 -22.70 -9.40 22.12
C HIS B 186 -21.44 -9.41 22.99
N ASP B 187 -21.29 -10.44 23.84
CA ASP B 187 -20.07 -10.65 24.63
C ASP B 187 -18.99 -11.47 23.92
N ALA B 188 -19.30 -12.00 22.73
CA ALA B 188 -18.39 -12.85 21.99
C ALA B 188 -17.28 -12.01 21.32
N SER B 189 -16.38 -12.66 20.58
CA SER B 189 -15.20 -12.00 20.00
C SER B 189 -15.56 -10.71 19.27
N LYS B 190 -14.76 -9.68 19.52
CA LYS B 190 -14.88 -8.40 18.85
C LYS B 190 -14.05 -8.35 17.57
N THR B 191 -13.27 -9.40 17.30
CA THR B 191 -12.34 -9.40 16.18
C THR B 191 -12.51 -10.65 15.33
N ASP B 192 -11.84 -11.74 15.70
CA ASP B 192 -11.82 -12.96 14.88
C ASP B 192 -11.86 -14.19 15.80
N LEU B 193 -11.32 -15.34 15.36
CA LEU B 193 -11.30 -16.56 16.19
C LEU B 193 -10.27 -16.51 17.32
N GLU B 194 -9.32 -15.56 17.26
CA GLU B 194 -8.22 -15.50 18.23
C GLU B 194 -7.52 -16.85 18.28
N GLN B 195 -7.26 -17.39 17.08
CA GLN B 195 -6.53 -18.62 16.87
C GLN B 195 -5.71 -18.39 15.62
N ASP B 196 -4.60 -17.67 15.80
CA ASP B 196 -3.75 -17.27 14.65
C ASP B 196 -3.08 -18.41 13.89
N ASP B 197 -2.90 -19.57 14.53
CA ASP B 197 -2.35 -20.75 13.83
C ASP B 197 -3.40 -21.63 13.14
N ALA B 198 -4.68 -21.34 13.37
CA ALA B 198 -5.76 -22.04 12.69
C ALA B 198 -6.16 -21.30 11.39
N PRO B 199 -6.86 -22.00 10.47
CA PRO B 199 -7.37 -21.29 9.29
C PRO B 199 -8.14 -20.02 9.67
N ALA B 200 -7.95 -18.98 8.86
CA ALA B 200 -8.73 -17.75 9.02
C ALA B 200 -10.19 -18.02 8.72
N ILE B 201 -11.05 -17.17 9.27
CA ILE B 201 -12.49 -17.16 8.97
C ILE B 201 -12.65 -16.91 7.47
N GLY B 202 -13.55 -17.67 6.85
CA GLY B 202 -13.78 -17.56 5.42
C GLY B 202 -15.07 -16.80 5.15
N PRO B 203 -15.14 -16.13 3.99
CA PRO B 203 -16.42 -15.52 3.61
C PRO B 203 -17.48 -16.60 3.31
N ARG B 204 -18.73 -16.15 3.23
CA ARG B 204 -19.85 -17.07 3.06
C ARG B 204 -20.42 -17.00 1.67
N ILE B 205 -21.08 -18.08 1.26
CA ILE B 205 -21.74 -18.16 -0.03
C ILE B 205 -23.04 -18.95 0.13
N ALA B 206 -24.06 -18.53 -0.62
CA ALA B 206 -25.25 -19.35 -0.84
C ALA B 206 -25.89 -19.03 -2.17
N LEU B 207 -26.28 -20.08 -2.87
CA LEU B 207 -27.09 -19.98 -4.05
C LEU B 207 -28.41 -19.35 -3.67
N MET B 208 -28.91 -18.46 -4.52
CA MET B 208 -30.18 -17.77 -4.29
C MET B 208 -31.31 -18.58 -4.85
N SER B 209 -32.47 -18.44 -4.20
CA SER B 209 -33.72 -19.02 -4.69
C SER B 209 -34.14 -18.38 -6.02
N ASP B 210 -35.03 -19.06 -6.74
CA ASP B 210 -35.57 -18.53 -7.98
C ASP B 210 -36.17 -17.13 -7.84
N ASP B 211 -36.89 -16.90 -6.75
CA ASP B 211 -37.57 -15.61 -6.53
C ASP B 211 -36.64 -14.50 -6.00
N MET B 212 -35.38 -14.85 -5.75
CA MET B 212 -34.34 -13.90 -5.31
C MET B 212 -34.52 -13.31 -3.92
N LEU B 213 -35.46 -13.85 -3.13
CA LEU B 213 -35.73 -13.34 -1.78
C LEU B 213 -35.13 -14.23 -0.68
N SER B 214 -34.59 -15.39 -1.04
CA SER B 214 -34.19 -16.43 -0.11
C SER B 214 -32.94 -17.11 -0.58
N PHE B 215 -32.28 -17.81 0.33
CA PHE B 215 -31.23 -18.75 -0.03
C PHE B 215 -31.86 -20.08 -0.46
N ALA B 216 -31.29 -20.68 -1.51
CA ALA B 216 -31.73 -21.97 -2.06
C ALA B 216 -31.09 -23.17 -1.38
N GLU B 217 -30.04 -22.94 -0.59
CA GLU B 217 -29.25 -24.01 0.02
C GLU B 217 -28.65 -23.55 1.35
N PRO B 218 -28.11 -24.48 2.16
CA PRO B 218 -27.41 -24.04 3.35
C PRO B 218 -26.17 -23.18 3.02
N VAL B 219 -25.90 -22.23 3.90
CA VAL B 219 -24.74 -21.34 3.73
C VAL B 219 -23.44 -22.16 3.85
N LYS B 220 -22.47 -21.87 2.99
CA LYS B 220 -21.14 -22.52 3.01
C LYS B 220 -20.10 -21.48 3.35
N GLU B 221 -19.06 -21.93 4.04
CA GLU B 221 -17.87 -21.10 4.33
C GLU B 221 -16.79 -21.40 3.28
N ILE B 222 -16.27 -20.36 2.64
CA ILE B 222 -15.32 -20.50 1.55
C ILE B 222 -13.92 -20.68 2.13
N SER B 223 -13.16 -21.56 1.51
CA SER B 223 -11.75 -21.78 1.88
C SER B 223 -10.84 -20.98 0.97
N ILE B 224 -10.01 -20.12 1.57
CA ILE B 224 -8.98 -19.41 0.82
C ILE B 224 -7.64 -20.02 1.23
N VAL B 225 -6.84 -20.39 0.24
CA VAL B 225 -5.57 -21.09 0.46
C VAL B 225 -4.43 -20.36 -0.23
N ASP B 226 -3.19 -20.69 0.17
CA ASP B 226 -1.99 -20.15 -0.49
C ASP B 226 -1.62 -20.99 -1.72
N GLU B 227 -0.58 -20.58 -2.44
CA GLU B 227 -0.07 -21.30 -3.64
C GLU B 227 0.23 -22.78 -3.42
N GLN B 228 0.60 -23.15 -2.18
CA GLN B 228 0.86 -24.56 -1.81
C GLN B 228 -0.40 -25.31 -1.36
N GLY B 229 -1.58 -24.72 -1.51
CA GLY B 229 -2.82 -25.37 -1.13
C GLY B 229 -3.10 -25.40 0.36
N ASN B 230 -2.34 -24.65 1.16
CA ASN B 230 -2.56 -24.59 2.60
C ASN B 230 -3.46 -23.41 2.98
N PRO B 231 -4.39 -23.61 3.94
CA PRO B 231 -5.27 -22.53 4.39
C PRO B 231 -4.55 -21.25 4.78
N ILE B 232 -5.08 -20.11 4.36
CA ILE B 232 -4.59 -18.83 4.86
C ILE B 232 -4.96 -18.81 6.32
N LEU B 233 -4.00 -18.47 7.17
CA LEU B 233 -4.19 -18.53 8.61
C LEU B 233 -4.71 -17.24 9.21
N GLY B 234 -5.31 -17.35 10.39
CA GLY B 234 -5.82 -16.20 11.16
C GLY B 234 -4.83 -15.07 11.41
N GLY B 235 -3.57 -15.41 11.67
CA GLY B 235 -2.53 -14.43 11.90
C GLY B 235 -1.99 -13.71 10.66
N ASP B 236 -2.35 -14.17 9.46
CA ASP B 236 -1.83 -13.64 8.20
C ASP B 236 -2.74 -12.47 7.77
N HIS B 237 -2.66 -11.35 8.48
CA HIS B 237 -3.58 -10.22 8.22
C HIS B 237 -3.37 -9.55 6.89
N ASP B 238 -2.20 -9.72 6.27
CA ASP B 238 -1.97 -9.18 4.94
C ASP B 238 -2.79 -9.88 3.87
N ARG B 239 -3.23 -11.11 4.14
CA ARG B 239 -3.91 -11.93 3.12
C ARG B 239 -5.30 -12.42 3.49
N ARG B 240 -5.61 -12.52 4.79
CA ARG B 240 -6.85 -13.15 5.21
C ARG B 240 -8.07 -12.24 5.02
N PHE B 241 -9.21 -12.87 4.74
CA PHE B 241 -10.48 -12.17 4.54
C PHE B 241 -10.91 -11.28 5.70
N PHE B 242 -11.23 -10.01 5.42
CA PHE B 242 -11.80 -9.15 6.45
C PHE B 242 -13.26 -8.76 6.11
N GLU B 243 -13.47 -8.19 4.94
CA GLU B 243 -14.82 -7.79 4.50
C GLU B 243 -14.84 -7.53 2.98
N ALA B 244 -15.97 -7.09 2.47
CA ALA B 244 -16.04 -6.59 1.09
C ALA B 244 -15.73 -7.65 0.03
N ALA B 245 -16.35 -8.82 0.16
CA ALA B 245 -16.24 -9.84 -0.89
C ALA B 245 -16.80 -9.36 -2.21
N TRP B 246 -16.16 -9.75 -3.30
CA TRP B 246 -16.67 -9.50 -4.65
C TRP B 246 -16.25 -10.66 -5.53
N MET B 247 -17.13 -11.07 -6.44
CA MET B 247 -16.87 -12.16 -7.40
C MET B 247 -16.98 -11.58 -8.80
N HIS B 248 -15.99 -11.87 -9.62
CA HIS B 248 -16.12 -11.66 -11.06
C HIS B 248 -15.44 -12.80 -11.79
N LYS B 249 -15.80 -12.94 -13.06
CA LYS B 249 -15.31 -14.05 -13.86
C LYS B 249 -14.58 -13.48 -15.06
N TYR B 250 -13.38 -13.98 -15.33
CA TYR B 250 -12.61 -13.55 -16.49
C TYR B 250 -11.97 -14.79 -17.13
N ASN B 251 -12.27 -14.99 -18.41
CA ASN B 251 -11.75 -16.10 -19.18
C ASN B 251 -11.98 -17.45 -18.50
N GLY B 252 -13.20 -17.64 -18.00
CA GLY B 252 -13.58 -18.88 -17.32
C GLY B 252 -13.14 -19.06 -15.88
N THR B 253 -12.29 -18.17 -15.36
CA THR B 253 -11.77 -18.30 -14.00
C THR B 253 -12.57 -17.40 -13.07
N TYR B 254 -12.83 -17.88 -11.87
CA TYR B 254 -13.58 -17.17 -10.83
C TYR B 254 -12.58 -16.40 -9.96
N TYR B 255 -12.80 -15.10 -9.83
CA TYR B 255 -11.94 -14.21 -9.05
C TYR B 255 -12.69 -13.72 -7.81
N LEU B 256 -12.30 -14.22 -6.65
CA LEU B 256 -12.80 -13.75 -5.37
C LEU B 256 -11.86 -12.66 -4.87
N SER B 257 -12.36 -11.42 -4.81
CA SER B 257 -11.58 -10.32 -4.26
C SER B 257 -12.22 -9.80 -2.99
N TYR B 258 -11.43 -9.16 -2.13
CA TYR B 258 -11.92 -8.73 -0.82
C TYR B 258 -10.95 -7.76 -0.15
N SER B 259 -11.45 -7.08 0.87
CA SER B 259 -10.63 -6.23 1.73
C SER B 259 -10.01 -7.04 2.86
N THR B 260 -8.76 -6.71 3.19
CA THR B 260 -8.06 -7.26 4.34
C THR B 260 -8.16 -6.39 5.61
N GLY B 261 -8.88 -5.28 5.53
CA GLY B 261 -9.25 -4.52 6.74
C GLY B 261 -8.12 -3.80 7.41
N ASP B 262 -7.63 -4.35 8.52
CA ASP B 262 -6.58 -3.68 9.29
C ASP B 262 -5.25 -3.56 8.54
N THR B 263 -5.09 -4.29 7.45
CA THR B 263 -3.93 -4.12 6.56
C THR B 263 -4.23 -3.37 5.27
N HIS B 264 -5.50 -3.04 5.05
CA HIS B 264 -5.92 -1.99 4.10
C HIS B 264 -5.73 -2.31 2.62
N TYR B 265 -5.63 -3.59 2.27
CA TYR B 265 -5.49 -4.01 0.88
C TYR B 265 -6.82 -4.51 0.32
N ILE B 266 -7.03 -4.32 -0.98
CA ILE B 266 -7.88 -5.21 -1.73
C ILE B 266 -6.99 -6.26 -2.35
N VAL B 267 -7.30 -7.53 -2.09
CA VAL B 267 -6.55 -8.67 -2.62
C VAL B 267 -7.50 -9.58 -3.38
N TYR B 268 -6.93 -10.60 -4.04
CA TYR B 268 -7.76 -11.55 -4.75
C TYR B 268 -7.18 -12.95 -4.78
N ALA B 269 -8.08 -13.90 -4.96
CA ALA B 269 -7.79 -15.32 -5.00
C ALA B 269 -8.63 -15.92 -6.14
N THR B 270 -8.11 -16.95 -6.80
CA THR B 270 -8.75 -17.49 -8.00
C THR B 270 -9.18 -18.96 -7.83
N GLY B 271 -10.25 -19.33 -8.54
CA GLY B 271 -10.83 -20.67 -8.45
C GLY B 271 -11.52 -21.07 -9.74
N ASP B 272 -11.98 -22.33 -9.81
CA ASP B 272 -12.60 -22.86 -11.02
C ASP B 272 -14.10 -23.06 -10.91
N ASN B 273 -14.68 -22.68 -9.77
CA ASN B 273 -16.12 -22.72 -9.57
C ASN B 273 -16.53 -21.68 -8.52
N PRO B 274 -17.83 -21.36 -8.40
CA PRO B 274 -18.26 -20.33 -7.44
C PRO B 274 -17.90 -20.54 -5.98
N TYR B 275 -17.80 -21.80 -5.55
CA TYR B 275 -17.60 -22.14 -4.16
C TYR B 275 -16.13 -22.24 -3.76
N GLY B 276 -15.23 -22.18 -4.72
CA GLY B 276 -13.80 -22.38 -4.41
C GLY B 276 -13.44 -23.86 -4.16
N PRO B 277 -12.35 -24.14 -3.46
CA PRO B 277 -11.49 -23.14 -2.80
C PRO B 277 -10.79 -22.18 -3.72
N PHE B 278 -10.35 -21.04 -3.18
CA PHE B 278 -9.71 -19.99 -3.97
C PHE B 278 -8.25 -19.86 -3.55
N THR B 279 -7.36 -19.77 -4.53
CA THR B 279 -5.93 -19.65 -4.27
C THR B 279 -5.54 -18.18 -4.30
N TYR B 280 -5.02 -17.68 -3.18
CA TYR B 280 -4.52 -16.30 -3.07
C TYR B 280 -3.51 -16.02 -4.17
N ARG B 281 -3.71 -14.92 -4.91
CA ARG B 281 -2.81 -14.52 -5.99
C ARG B 281 -2.02 -13.22 -5.69
N GLY B 282 -2.69 -12.17 -5.23
CA GLY B 282 -1.97 -10.92 -4.95
C GLY B 282 -2.88 -9.75 -4.68
N VAL B 283 -2.30 -8.56 -4.75
CA VAL B 283 -3.00 -7.31 -4.44
C VAL B 283 -3.64 -6.73 -5.67
N ILE B 284 -4.90 -6.28 -5.51
CA ILE B 284 -5.61 -5.50 -6.52
C ILE B 284 -5.40 -4.02 -6.31
N LEU B 285 -5.63 -3.57 -5.07
CA LEU B 285 -5.58 -2.15 -4.72
C LEU B 285 -4.84 -1.94 -3.41
N ASN B 286 -3.81 -1.12 -3.46
CA ASN B 286 -3.07 -0.75 -2.27
C ASN B 286 -3.86 0.24 -1.39
N PRO B 287 -3.36 0.51 -0.18
CA PRO B 287 -4.17 1.29 0.75
C PRO B 287 -4.44 2.70 0.28
N VAL B 288 -5.61 3.18 0.65
CA VAL B 288 -6.11 4.48 0.25
C VAL B 288 -6.03 5.43 1.44
N ILE B 289 -6.44 6.67 1.20
CA ILE B 289 -6.68 7.64 2.27
C ILE B 289 -7.90 7.18 3.07
N GLY B 290 -7.75 7.09 4.38
CA GLY B 290 -8.82 6.60 5.26
C GLY B 290 -8.76 5.10 5.48
N TRP B 291 -9.33 4.66 6.60
CA TRP B 291 -9.11 3.28 7.07
C TRP B 291 -9.66 2.21 6.14
N THR B 292 -10.89 2.41 5.65
CA THR B 292 -11.55 1.36 4.87
C THR B 292 -11.08 1.34 3.43
N ASN B 293 -11.26 0.18 2.80
CA ASN B 293 -10.94 -0.03 1.41
C ASN B 293 -12.03 -0.95 0.87
N HIS B 294 -12.81 -0.49 -0.10
CA HIS B 294 -13.95 -1.26 -0.58
C HIS B 294 -14.17 -0.98 -2.06
N HIS B 295 -14.35 -2.04 -2.84
CA HIS B 295 -14.25 -1.97 -4.28
C HIS B 295 -15.32 -2.79 -4.99
N SER B 296 -15.40 -2.62 -6.30
CA SER B 296 -16.01 -3.64 -7.15
C SER B 296 -15.30 -3.63 -8.50
N ILE B 297 -15.48 -4.70 -9.26
CA ILE B 297 -14.80 -4.92 -10.55
C ILE B 297 -15.86 -5.27 -11.58
N VAL B 298 -15.92 -4.48 -12.64
CA VAL B 298 -17.00 -4.62 -13.63
C VAL B 298 -16.45 -4.44 -15.03
N GLU B 299 -17.01 -5.20 -15.97
CA GLU B 299 -16.70 -5.03 -17.39
C GLU B 299 -17.77 -4.18 -18.03
N PHE B 300 -17.35 -3.20 -18.82
CA PHE B 300 -18.25 -2.30 -19.53
C PHE B 300 -17.63 -1.87 -20.87
N ASN B 301 -18.36 -2.16 -21.96
CA ASN B 301 -17.90 -1.88 -23.32
C ASN B 301 -16.50 -2.46 -23.59
N GLY B 302 -16.30 -3.70 -23.18
CA GLY B 302 -15.08 -4.45 -23.42
C GLY B 302 -13.87 -4.09 -22.56
N LYS B 303 -14.03 -3.16 -21.61
CA LYS B 303 -12.94 -2.76 -20.72
C LYS B 303 -13.34 -3.06 -19.28
N TRP B 304 -12.36 -3.43 -18.47
CA TRP B 304 -12.58 -3.71 -17.05
C TRP B 304 -12.25 -2.48 -16.19
N TYR B 305 -13.08 -2.27 -15.17
CA TYR B 305 -12.93 -1.12 -14.28
C TYR B 305 -12.96 -1.55 -12.83
N LEU B 306 -12.14 -0.87 -12.03
CA LEU B 306 -12.14 -0.98 -10.58
C LEU B 306 -12.79 0.27 -9.98
N PHE B 307 -13.96 0.10 -9.38
CA PHE B 307 -14.58 1.14 -8.56
C PHE B 307 -14.07 0.96 -7.13
N TYR B 308 -13.75 2.06 -6.46
CA TYR B 308 -13.26 2.04 -5.09
C TYR B 308 -13.62 3.36 -4.42
N HIS B 309 -13.20 3.54 -3.17
CA HIS B 309 -13.39 4.82 -2.47
C HIS B 309 -12.18 5.23 -1.69
N ASP B 310 -12.21 6.48 -1.25
CA ASP B 310 -11.26 6.95 -0.24
C ASP B 310 -11.85 8.11 0.55
N SER B 311 -11.07 8.63 1.49
CA SER B 311 -11.51 9.74 2.36
C SER B 311 -10.89 11.09 1.92
N SER B 312 -10.57 11.23 0.63
CA SER B 312 -9.88 12.41 0.13
C SER B 312 -10.78 13.66 0.13
N LEU B 313 -12.04 13.51 -0.29
CA LEU B 313 -12.94 14.68 -0.38
C LEU B 313 -13.22 15.33 0.97
N SER B 314 -13.30 14.52 2.02
CA SER B 314 -13.50 15.01 3.39
C SER B 314 -12.23 15.45 4.12
N GLY B 315 -11.09 15.47 3.45
CA GLY B 315 -9.81 15.76 4.11
C GLY B 315 -9.35 14.66 5.05
N GLY B 316 -9.72 13.41 4.77
CA GLY B 316 -9.20 12.27 5.51
C GLY B 316 -10.06 11.68 6.60
N LYS B 317 -11.34 12.08 6.69
CA LYS B 317 -12.24 11.53 7.70
C LYS B 317 -12.69 10.15 7.26
N THR B 318 -12.47 9.16 8.12
CA THR B 318 -12.66 7.74 7.76
C THR B 318 -14.10 7.40 7.34
N HIS B 319 -15.07 8.07 7.97
CA HIS B 319 -16.48 7.83 7.74
C HIS B 319 -17.13 8.75 6.70
N LEU B 320 -16.37 9.62 6.05
CA LEU B 320 -16.91 10.50 5.02
C LEU B 320 -16.10 10.29 3.76
N ARG B 321 -16.59 9.38 2.92
CA ARG B 321 -15.81 8.91 1.79
C ARG B 321 -16.33 9.45 0.46
N CYS B 322 -15.58 9.18 -0.61
CA CYS B 322 -16.03 9.44 -1.95
C CYS B 322 -15.60 8.32 -2.87
N ILE B 323 -16.47 7.94 -3.79
CA ILE B 323 -16.15 6.88 -4.75
C ILE B 323 -15.34 7.40 -5.95
N LYS B 324 -14.56 6.48 -6.53
CA LYS B 324 -13.67 6.74 -7.65
C LYS B 324 -13.62 5.50 -8.53
N VAL B 325 -13.03 5.64 -9.71
CA VAL B 325 -12.94 4.53 -10.66
C VAL B 325 -11.65 4.65 -11.46
N THR B 326 -11.08 3.51 -11.79
CA THR B 326 -9.94 3.46 -12.68
C THR B 326 -9.99 2.18 -13.47
N GLU B 327 -9.23 2.15 -14.56
CA GLU B 327 -9.16 0.98 -15.43
C GLU B 327 -8.40 -0.14 -14.72
N LEU B 328 -8.90 -1.38 -14.86
CA LEU B 328 -8.25 -2.56 -14.32
C LEU B 328 -7.77 -3.45 -15.46
N THR B 329 -6.57 -4.01 -15.31
CA THR B 329 -5.94 -4.83 -16.37
C THR B 329 -5.74 -6.25 -15.91
N HIS B 330 -6.33 -7.19 -16.65
CA HIS B 330 -5.99 -8.59 -16.54
C HIS B 330 -4.83 -8.86 -17.49
N ASN B 331 -3.77 -9.47 -16.98
CA ASN B 331 -2.63 -9.86 -17.81
C ASN B 331 -2.92 -11.18 -18.52
N ALA B 332 -2.07 -11.53 -19.49
CA ALA B 332 -2.22 -12.75 -20.27
C ALA B 332 -2.20 -14.03 -19.43
N ASP B 333 -1.40 -14.05 -18.36
CA ASP B 333 -1.35 -15.20 -17.46
C ASP B 333 -2.49 -15.29 -16.43
N GLY B 334 -3.50 -14.42 -16.56
CA GLY B 334 -4.66 -14.46 -15.65
C GLY B 334 -4.55 -13.56 -14.43
N THR B 335 -3.35 -13.06 -14.12
CA THR B 335 -3.18 -12.19 -12.94
C THR B 335 -3.74 -10.82 -13.24
N ILE B 336 -3.96 -10.05 -12.17
CA ILE B 336 -4.46 -8.68 -12.27
C ILE B 336 -3.31 -7.76 -11.85
N GLU B 337 -3.13 -6.68 -12.61
CA GLU B 337 -2.07 -5.74 -12.37
C GLU B 337 -2.47 -4.89 -11.14
N THR B 338 -1.59 -4.82 -10.15
CA THR B 338 -1.87 -4.08 -8.93
C THR B 338 -1.98 -2.60 -9.19
N ILE B 339 -3.01 -1.97 -8.59
CA ILE B 339 -3.23 -0.54 -8.71
C ILE B 339 -2.81 0.13 -7.42
N SER B 340 -1.99 1.17 -7.54
CA SER B 340 -1.66 2.06 -6.40
C SER B 340 -2.39 3.36 -6.67
N PRO B 341 -3.28 3.78 -5.74
CA PRO B 341 -4.27 4.83 -6.04
C PRO B 341 -3.75 6.23 -6.36
N TYR B 342 -2.56 6.60 -5.86
CA TYR B 342 -2.09 8.01 -5.95
C TYR B 342 -0.75 8.15 -6.69
N ILE B 343 -0.57 7.40 -7.76
CA ILE B 343 0.64 7.47 -8.58
C ILE B 343 0.33 8.02 -9.99
N GLU B 344 0.94 9.18 -10.33
CA GLU B 344 0.88 9.90 -11.64
C GLU B 344 0.17 11.25 -11.59
O1 XYP C . 6.59 4.86 -14.21
C1 XYP C . 8.01 4.96 -14.13
C2 XYP C . 8.29 6.17 -13.27
C3 XYP C . 9.78 6.38 -13.16
C4 XYP C . 10.44 5.08 -12.68
C5 XYP C . 9.99 3.80 -13.41
O2 XYP C . 7.67 7.32 -13.85
O3 XYP C . 10.05 7.42 -12.23
O4 XYP C . 11.84 5.23 -12.84
O5 XYP C . 8.57 3.78 -13.54
C1 XYP C . 12.61 5.08 -11.64
C2 XYP C . 14.07 4.82 -12.01
C3 XYP C . 14.91 4.73 -10.72
C4 XYP C . 14.65 5.98 -9.88
C5 XYP C . 13.17 6.18 -9.60
O2 XYP C . 14.14 3.60 -12.77
O3 XYP C . 16.28 4.55 -11.03
O4 XYP C . 15.35 5.89 -8.64
O5 XYP C . 12.49 6.27 -10.85
O1 XYP D . -4.45 -3.35 15.81
C1 XYP D . -5.10 -2.12 15.47
C2 XYP D . -5.01 -1.94 13.95
C3 XYP D . -5.94 -0.84 13.45
C4 XYP D . -7.33 -0.95 14.05
C5 XYP D . -7.26 -1.06 15.58
O2 XYP D . -3.67 -1.63 13.54
O3 XYP D . -6.00 -0.93 12.02
O4 XYP D . -8.11 0.20 13.67
O5 XYP D . -6.46 -2.21 15.92
C1 XYP D . -9.53 0.01 13.69
C2 XYP D . -10.23 1.26 13.17
C3 XYP D . -11.73 1.06 13.02
C4 XYP D . -12.02 -0.21 12.25
C5 XYP D . -11.29 -1.39 12.87
O2 XYP D . -9.96 2.34 14.06
O3 XYP D . -12.28 2.15 12.28
O4 XYP D . -13.42 -0.51 12.30
O5 XYP D . -9.88 -1.12 12.89
C1 XYP D . -13.95 -1.19 11.19
C2 XYP D . -15.05 -2.12 11.65
C3 XYP D . -15.65 -2.78 10.42
C4 XYP D . -16.09 -1.70 9.43
C5 XYP D . -14.93 -0.76 9.06
O2 XYP D . -14.50 -3.14 12.47
O3 XYP D . -16.76 -3.62 10.76
O4 XYP D . -16.64 -2.28 8.24
O5 XYP D . -14.39 -0.20 10.26
NA NA E . 18.83 4.80 2.34
NA NA F . 3.05 -6.10 8.61
O5 FUB G . 15.26 10.50 -5.83
C5 FUB G . 16.20 10.04 -6.77
C4 FUB G . 16.22 8.53 -6.66
O4 FUB G . 14.88 8.01 -6.79
C3 FUB G . 16.82 8.05 -5.34
O3 FUB G . 18.27 7.97 -5.36
C2 FUB G . 16.06 6.74 -5.29
O2 FUB G . 16.10 6.09 -4.05
C1 FUB G . 14.65 7.14 -5.71
O1 FUB G . 13.91 7.83 -4.69
NA NA H . -18.74 -6.02 -2.42
NA NA I . 0.60 -7.75 -8.32
O5 FUB J . -18.87 1.34 4.95
C5 FUB J . -19.51 0.55 5.92
C4 FUB J . -18.70 -0.70 6.04
O4 FUB J . -17.29 -0.39 6.16
C3 FUB J . -18.88 -1.55 4.79
O3 FUB J . -20.07 -2.35 4.89
C2 FUB J . -17.56 -2.26 4.83
O2 FUB J . -17.23 -2.98 3.64
C1 FUB J . -16.59 -1.12 5.17
O1 FUB J . -16.22 -0.24 4.07
#